data_2DO5
#
_entry.id   2DO5
#
_entity_poly.entity_id   1
_entity_poly.type   'polypeptide(L)'
_entity_poly.pdbx_seq_one_letter_code
;GSSGSSGYGAWAAQELQAKLAEIGAPIQGNREELVERLQSYTRQTGIVLNRPSGPSSG
;
_entity_poly.pdbx_strand_id   A
#
# COMPACT_ATOMS: atom_id res chain seq x y z
N GLY A 1 -10.98 23.33 3.74
CA GLY A 1 -10.29 23.13 2.48
C GLY A 1 -8.90 22.55 2.67
N SER A 2 -8.76 21.26 2.41
CA SER A 2 -7.48 20.59 2.56
C SER A 2 -7.06 19.91 1.26
N SER A 3 -5.78 20.01 0.92
CA SER A 3 -5.26 19.42 -0.30
C SER A 3 -5.13 17.90 -0.15
N GLY A 4 -6.23 17.19 -0.39
CA GLY A 4 -6.23 15.75 -0.27
C GLY A 4 -6.02 15.07 -1.60
N SER A 5 -4.94 14.31 -1.72
CA SER A 5 -4.62 13.60 -2.95
C SER A 5 -4.39 12.12 -2.69
N SER A 6 -4.81 11.29 -3.63
CA SER A 6 -4.66 9.84 -3.50
C SER A 6 -3.23 9.41 -3.83
N GLY A 7 -2.90 8.17 -3.49
CA GLY A 7 -1.56 7.66 -3.76
C GLY A 7 -0.99 6.90 -2.58
N TYR A 8 -0.16 5.90 -2.87
CA TYR A 8 0.45 5.09 -1.83
C TYR A 8 1.88 5.56 -1.55
N GLY A 9 2.07 6.87 -1.50
CA GLY A 9 3.38 7.42 -1.25
C GLY A 9 3.63 7.68 0.23
N ALA A 10 2.78 8.48 0.84
CA ALA A 10 2.90 8.81 2.25
C ALA A 10 3.30 7.58 3.07
N TRP A 11 2.78 6.42 2.66
CA TRP A 11 3.08 5.17 3.36
C TRP A 11 4.58 5.03 3.60
N ALA A 12 4.97 3.99 4.33
CA ALA A 12 6.37 3.75 4.63
C ALA A 12 6.80 2.35 4.18
N ALA A 13 8.06 2.22 3.80
CA ALA A 13 8.59 0.94 3.36
C ALA A 13 8.00 -0.22 4.16
N GLN A 14 7.97 -0.06 5.47
CA GLN A 14 7.42 -1.10 6.35
C GLN A 14 5.96 -1.36 6.03
N GLU A 15 5.15 -0.31 6.02
CA GLU A 15 3.73 -0.42 5.72
C GLU A 15 3.51 -1.13 4.39
N LEU A 16 4.00 -0.52 3.32
CA LEU A 16 3.87 -1.09 1.98
C LEU A 16 4.26 -2.56 1.97
N GLN A 17 5.46 -2.84 2.47
CA GLN A 17 5.95 -4.22 2.51
C GLN A 17 4.97 -5.13 3.24
N ALA A 18 4.49 -4.68 4.39
CA ALA A 18 3.54 -5.44 5.18
C ALA A 18 2.36 -5.92 4.33
N LYS A 19 1.63 -4.96 3.77
CA LYS A 19 0.48 -5.28 2.92
C LYS A 19 0.84 -6.33 1.87
N LEU A 20 1.78 -5.97 0.99
CA LEU A 20 2.21 -6.88 -0.06
C LEU A 20 2.30 -8.31 0.46
N ALA A 21 3.13 -8.52 1.48
CA ALA A 21 3.29 -9.84 2.08
C ALA A 21 1.98 -10.36 2.64
N GLU A 22 1.11 -9.44 3.07
CA GLU A 22 -0.17 -9.81 3.64
C GLU A 22 -1.05 -10.51 2.60
N ILE A 23 -1.05 -9.98 1.38
CA ILE A 23 -1.84 -10.56 0.31
C ILE A 23 -1.12 -11.74 -0.33
N GLY A 24 0.11 -12.00 0.13
CA GLY A 24 0.88 -13.11 -0.40
C GLY A 24 1.78 -12.70 -1.55
N ALA A 25 2.19 -11.43 -1.54
CA ALA A 25 3.06 -10.90 -2.59
C ALA A 25 4.47 -10.68 -2.06
N PRO A 26 5.47 -10.80 -2.95
CA PRO A 26 6.88 -10.61 -2.60
C PRO A 26 7.21 -9.15 -2.28
N ILE A 27 7.83 -8.94 -1.12
CA ILE A 27 8.21 -7.59 -0.69
C ILE A 27 9.64 -7.26 -1.10
N GLN A 28 10.02 -7.72 -2.29
CA GLN A 28 11.37 -7.46 -2.79
C GLN A 28 11.37 -6.27 -3.75
N GLY A 29 12.41 -5.44 -3.66
CA GLY A 29 12.51 -4.29 -4.52
C GLY A 29 12.62 -2.98 -3.74
N ASN A 30 12.70 -1.87 -4.45
CA ASN A 30 12.81 -0.56 -3.82
C ASN A 30 11.43 0.02 -3.55
N ARG A 31 11.39 1.09 -2.76
CA ARG A 31 10.12 1.74 -2.41
C ARG A 31 9.23 1.88 -3.64
N GLU A 32 9.76 2.51 -4.68
CA GLU A 32 9.02 2.71 -5.92
C GLU A 32 8.39 1.40 -6.39
N GLU A 33 9.21 0.39 -6.58
CA GLU A 33 8.73 -0.92 -7.04
C GLU A 33 7.52 -1.35 -6.22
N LEU A 34 7.62 -1.25 -4.90
CA LEU A 34 6.52 -1.63 -4.01
C LEU A 34 5.29 -0.78 -4.29
N VAL A 35 5.46 0.53 -4.29
CA VAL A 35 4.35 1.45 -4.54
C VAL A 35 3.62 1.10 -5.83
N GLU A 36 4.35 1.07 -6.94
CA GLU A 36 3.76 0.74 -8.23
C GLU A 36 2.96 -0.55 -8.15
N ARG A 37 3.52 -1.56 -7.47
CA ARG A 37 2.86 -2.84 -7.33
C ARG A 37 1.45 -2.66 -6.78
N LEU A 38 1.36 -2.15 -5.56
CA LEU A 38 0.07 -1.93 -4.90
C LEU A 38 -0.90 -1.21 -5.85
N GLN A 39 -0.40 -0.18 -6.53
CA GLN A 39 -1.21 0.58 -7.45
C GLN A 39 -1.76 -0.31 -8.57
N SER A 40 -0.90 -1.18 -9.10
CA SER A 40 -1.28 -2.08 -10.17
C SER A 40 -2.32 -3.08 -9.68
N TYR A 41 -2.07 -3.66 -8.51
CA TYR A 41 -2.99 -4.64 -7.93
C TYR A 41 -4.40 -4.07 -7.79
N THR A 42 -4.52 -3.01 -7.01
CA THR A 42 -5.81 -2.36 -6.79
C THR A 42 -6.49 -2.04 -8.12
N ARG A 43 -5.71 -1.55 -9.07
CA ARG A 43 -6.24 -1.21 -10.39
C ARG A 43 -6.79 -2.45 -11.10
N GLN A 44 -6.04 -3.54 -11.04
CA GLN A 44 -6.45 -4.79 -11.68
C GLN A 44 -7.63 -5.40 -10.93
N THR A 45 -7.38 -5.83 -9.69
CA THR A 45 -8.42 -6.46 -8.88
C THR A 45 -9.59 -5.50 -8.65
N GLY A 46 -9.28 -4.28 -8.21
CA GLY A 46 -10.31 -3.30 -7.97
C GLY A 46 -10.70 -3.21 -6.50
N ILE A 47 -9.76 -3.55 -5.63
CA ILE A 47 -10.01 -3.51 -4.19
C ILE A 47 -9.06 -2.53 -3.50
N VAL A 48 -9.50 -1.29 -3.34
CA VAL A 48 -8.70 -0.27 -2.69
C VAL A 48 -8.29 -0.70 -1.28
N LEU A 49 -7.06 -0.36 -0.90
CA LEU A 49 -6.54 -0.71 0.41
C LEU A 49 -6.50 0.52 1.33
N ASN A 50 -6.40 0.28 2.63
CA ASN A 50 -6.34 1.36 3.60
C ASN A 50 -5.19 1.14 4.58
N ARG A 51 -4.52 2.23 4.94
CA ARG A 51 -3.40 2.17 5.87
C ARG A 51 -3.71 1.22 7.03
N PRO A 52 -2.68 0.51 7.51
CA PRO A 52 -2.81 -0.44 8.61
C PRO A 52 -3.08 0.26 9.94
N SER A 53 -3.55 -0.50 10.92
CA SER A 53 -3.85 0.03 12.24
C SER A 53 -4.43 1.44 12.13
N GLY A 54 -5.40 1.60 11.25
CA GLY A 54 -6.04 2.89 11.06
C GLY A 54 -7.41 2.97 11.70
N PRO A 55 -8.46 2.69 10.90
CA PRO A 55 -9.84 2.73 11.38
C PRO A 55 -10.15 1.59 12.35
N SER A 56 -9.93 1.85 13.63
CA SER A 56 -10.19 0.84 14.66
C SER A 56 -10.34 1.50 16.03
N SER A 57 -11.08 0.84 16.92
CA SER A 57 -11.31 1.35 18.26
C SER A 57 -11.15 0.25 19.30
N GLY A 58 -10.53 0.59 20.42
CA GLY A 58 -10.32 -0.38 21.49
C GLY A 58 -9.36 0.11 22.55
N GLY A 1 -12.66 7.18 1.04
CA GLY A 1 -11.29 7.62 1.10
C GLY A 1 -10.95 8.64 0.02
N SER A 2 -9.69 8.70 -0.36
CA SER A 2 -9.24 9.63 -1.39
C SER A 2 -7.84 9.28 -1.87
N SER A 3 -7.69 9.16 -3.19
CA SER A 3 -6.41 8.82 -3.79
C SER A 3 -5.36 9.86 -3.43
N GLY A 4 -4.26 9.41 -2.82
CA GLY A 4 -3.20 10.32 -2.44
C GLY A 4 -2.54 10.98 -3.63
N SER A 5 -1.32 11.44 -3.45
CA SER A 5 -0.58 12.11 -4.51
C SER A 5 -0.08 11.10 -5.54
N SER A 6 0.52 10.01 -5.06
CA SER A 6 1.04 8.98 -5.94
C SER A 6 0.54 7.60 -5.50
N GLY A 7 -0.72 7.54 -5.10
CA GLY A 7 -1.30 6.28 -4.66
C GLY A 7 -0.87 5.90 -3.26
N TYR A 8 0.22 5.17 -3.15
CA TYR A 8 0.73 4.72 -1.86
C TYR A 8 2.16 5.24 -1.63
N GLY A 9 2.38 6.51 -1.95
CA GLY A 9 3.70 7.09 -1.78
C GLY A 9 3.99 7.43 -0.34
N ALA A 10 3.06 8.11 0.32
CA ALA A 10 3.23 8.49 1.72
C ALA A 10 3.57 7.27 2.58
N TRP A 11 3.08 6.10 2.18
CA TRP A 11 3.34 4.88 2.92
C TRP A 11 4.84 4.67 3.12
N ALA A 12 5.19 3.95 4.17
CA ALA A 12 6.59 3.67 4.48
C ALA A 12 6.97 2.24 4.09
N ALA A 13 8.26 2.02 3.86
CA ALA A 13 8.75 0.70 3.48
C ALA A 13 8.04 -0.40 4.27
N GLN A 14 7.92 -0.20 5.58
CA GLN A 14 7.26 -1.17 6.44
C GLN A 14 5.81 -1.40 6.00
N GLU A 15 5.04 -0.33 5.95
CA GLU A 15 3.65 -0.39 5.55
C GLU A 15 3.50 -1.15 4.22
N LEU A 16 4.17 -0.65 3.19
CA LEU A 16 4.11 -1.27 1.87
C LEU A 16 4.42 -2.77 1.96
N GLN A 17 5.60 -3.08 2.50
CA GLN A 17 6.02 -4.47 2.66
C GLN A 17 4.94 -5.30 3.35
N ALA A 18 4.38 -4.74 4.42
CA ALA A 18 3.34 -5.42 5.18
C ALA A 18 2.20 -5.88 4.26
N LYS A 19 1.44 -4.92 3.74
CA LYS A 19 0.33 -5.23 2.85
C LYS A 19 0.74 -6.25 1.80
N LEU A 20 1.77 -5.92 1.03
CA LEU A 20 2.26 -6.81 -0.01
C LEU A 20 2.32 -8.25 0.49
N ALA A 21 3.14 -8.49 1.50
CA ALA A 21 3.29 -9.82 2.06
C ALA A 21 1.97 -10.33 2.63
N GLU A 22 1.09 -9.39 2.99
CA GLU A 22 -0.21 -9.74 3.55
C GLU A 22 -1.07 -10.47 2.52
N ILE A 23 -1.10 -9.94 1.30
CA ILE A 23 -1.87 -10.53 0.23
C ILE A 23 -1.13 -11.70 -0.42
N GLY A 24 0.00 -12.07 0.17
CA GLY A 24 0.80 -13.17 -0.35
C GLY A 24 1.69 -12.74 -1.50
N ALA A 25 2.15 -11.50 -1.45
CA ALA A 25 3.03 -10.97 -2.49
C ALA A 25 4.44 -10.77 -1.98
N PRO A 26 5.43 -10.82 -2.90
CA PRO A 26 6.84 -10.66 -2.56
C PRO A 26 7.16 -9.22 -2.15
N ILE A 27 7.97 -9.08 -1.10
CA ILE A 27 8.37 -7.77 -0.60
C ILE A 27 9.78 -7.41 -1.06
N GLN A 28 10.06 -7.66 -2.34
CA GLN A 28 11.38 -7.35 -2.90
C GLN A 28 11.32 -6.11 -3.79
N GLY A 29 12.47 -5.49 -4.01
CA GLY A 29 12.53 -4.30 -4.84
C GLY A 29 12.68 -3.03 -4.03
N ASN A 30 12.62 -1.89 -4.70
CA ASN A 30 12.76 -0.60 -4.02
C ASN A 30 11.39 0.02 -3.75
N ARG A 31 11.39 1.16 -3.06
CA ARG A 31 10.16 1.85 -2.74
C ARG A 31 9.27 2.01 -3.98
N GLU A 32 9.82 2.65 -5.01
CA GLU A 32 9.08 2.88 -6.24
C GLU A 32 8.40 1.59 -6.70
N GLU A 33 9.09 0.47 -6.57
CA GLU A 33 8.56 -0.82 -6.97
C GLU A 33 7.37 -1.22 -6.09
N LEU A 34 7.56 -1.10 -4.77
CA LEU A 34 6.51 -1.45 -3.82
C LEU A 34 5.25 -0.62 -4.07
N VAL A 35 5.43 0.67 -4.26
CA VAL A 35 4.31 1.58 -4.52
C VAL A 35 3.60 1.21 -5.81
N GLU A 36 4.36 1.12 -6.89
CA GLU A 36 3.81 0.78 -8.20
C GLU A 36 3.05 -0.54 -8.13
N ARG A 37 3.63 -1.52 -7.44
CA ARG A 37 3.01 -2.84 -7.31
C ARG A 37 1.62 -2.71 -6.69
N LEU A 38 1.55 -2.13 -5.50
CA LEU A 38 0.29 -1.96 -4.79
C LEU A 38 -0.73 -1.24 -5.67
N GLN A 39 -0.25 -0.28 -6.46
CA GLN A 39 -1.11 0.48 -7.36
C GLN A 39 -1.69 -0.41 -8.44
N SER A 40 -0.87 -1.32 -8.96
CA SER A 40 -1.30 -2.23 -10.02
C SER A 40 -2.43 -3.13 -9.53
N TYR A 41 -2.27 -3.69 -8.34
CA TYR A 41 -3.27 -4.57 -7.76
C TYR A 41 -4.59 -3.82 -7.52
N THR A 42 -4.53 -2.77 -6.71
CA THR A 42 -5.70 -1.96 -6.41
C THR A 42 -6.50 -1.65 -7.68
N ARG A 43 -5.79 -1.24 -8.73
CA ARG A 43 -6.43 -0.91 -9.99
C ARG A 43 -7.04 -2.15 -10.63
N GLN A 44 -6.22 -3.19 -10.79
CA GLN A 44 -6.68 -4.44 -11.40
C GLN A 44 -7.89 -4.99 -10.65
N THR A 45 -7.68 -5.37 -9.39
CA THR A 45 -8.75 -5.92 -8.57
C THR A 45 -9.81 -4.86 -8.26
N GLY A 46 -9.35 -3.63 -8.05
CA GLY A 46 -10.27 -2.54 -7.75
C GLY A 46 -10.45 -2.31 -6.27
N ILE A 47 -10.11 -3.32 -5.47
CA ILE A 47 -10.23 -3.23 -4.02
C ILE A 47 -9.26 -2.18 -3.46
N VAL A 48 -9.80 -1.25 -2.67
CA VAL A 48 -8.99 -0.20 -2.08
C VAL A 48 -8.27 -0.70 -0.83
N LEU A 49 -7.01 -0.31 -0.69
CA LEU A 49 -6.21 -0.72 0.46
C LEU A 49 -5.99 0.44 1.43
N ASN A 50 -6.76 0.44 2.52
CA ASN A 50 -6.65 1.50 3.51
C ASN A 50 -5.50 1.24 4.48
N ARG A 51 -4.89 2.31 4.97
CA ARG A 51 -3.77 2.19 5.89
C ARG A 51 -4.22 1.56 7.21
N PRO A 52 -3.31 0.79 7.84
CA PRO A 52 -3.59 0.11 9.10
C PRO A 52 -3.71 1.09 10.27
N SER A 53 -3.18 2.29 10.08
CA SER A 53 -3.23 3.32 11.12
C SER A 53 -4.67 3.58 11.57
N GLY A 54 -5.44 4.21 10.68
CA GLY A 54 -6.83 4.50 11.00
C GLY A 54 -7.18 5.95 10.74
N PRO A 55 -7.45 6.28 9.46
CA PRO A 55 -7.81 7.64 9.05
C PRO A 55 -9.19 8.06 9.56
N SER A 56 -9.28 9.27 10.09
CA SER A 56 -10.54 9.78 10.62
C SER A 56 -11.64 9.68 9.57
N SER A 57 -12.85 10.08 9.95
CA SER A 57 -13.99 10.03 9.04
C SER A 57 -13.80 10.99 7.87
N GLY A 58 -13.28 12.17 8.16
CA GLY A 58 -13.05 13.16 7.12
C GLY A 58 -14.18 14.17 7.03
N GLY A 1 -16.52 7.73 1.08
CA GLY A 1 -15.62 7.99 -0.03
C GLY A 1 -14.74 9.20 0.22
N SER A 2 -14.13 9.25 1.40
CA SER A 2 -13.25 10.36 1.77
C SER A 2 -11.87 9.84 2.14
N SER A 3 -11.81 8.91 3.09
CA SER A 3 -10.55 8.34 3.55
C SER A 3 -9.72 7.84 2.36
N GLY A 4 -8.41 7.73 2.57
CA GLY A 4 -7.53 7.27 1.51
C GLY A 4 -7.27 8.34 0.46
N SER A 5 -6.12 8.26 -0.18
CA SER A 5 -5.74 9.24 -1.20
C SER A 5 -5.14 8.54 -2.42
N SER A 6 -5.09 9.26 -3.53
CA SER A 6 -4.54 8.71 -4.77
C SER A 6 -3.02 8.76 -4.77
N GLY A 7 -2.40 7.73 -4.19
CA GLY A 7 -0.96 7.67 -4.12
C GLY A 7 -0.46 7.00 -2.85
N TYR A 8 0.22 5.86 -3.01
CA TYR A 8 0.74 5.12 -1.88
C TYR A 8 2.17 5.53 -1.57
N GLY A 9 2.44 6.82 -1.69
CA GLY A 9 3.78 7.32 -1.42
C GLY A 9 4.00 7.63 0.05
N ALA A 10 3.09 8.40 0.64
CA ALA A 10 3.18 8.77 2.04
C ALA A 10 3.45 7.56 2.92
N TRP A 11 2.81 6.44 2.58
CA TRP A 11 2.99 5.21 3.33
C TRP A 11 4.46 4.95 3.62
N ALA A 12 4.73 4.20 4.69
CA ALA A 12 6.10 3.88 5.07
C ALA A 12 6.51 2.51 4.54
N ALA A 13 7.81 2.28 4.47
CA ALA A 13 8.34 1.01 3.97
C ALA A 13 7.66 -0.17 4.65
N GLN A 14 7.66 -0.16 5.98
CA GLN A 14 7.04 -1.22 6.76
C GLN A 14 5.60 -1.44 6.34
N GLU A 15 4.82 -0.36 6.34
CA GLU A 15 3.41 -0.43 5.96
C GLU A 15 3.25 -1.12 4.62
N LEU A 16 3.88 -0.56 3.59
CA LEU A 16 3.81 -1.13 2.24
C LEU A 16 4.10 -2.62 2.26
N GLN A 17 5.24 -2.99 2.84
CA GLN A 17 5.64 -4.39 2.94
C GLN A 17 4.53 -5.23 3.56
N ALA A 18 4.13 -4.86 4.77
CA ALA A 18 3.09 -5.59 5.47
C ALA A 18 1.95 -5.97 4.54
N LYS A 19 1.34 -4.97 3.91
CA LYS A 19 0.24 -5.20 2.98
C LYS A 19 0.64 -6.20 1.91
N LEU A 20 1.73 -5.92 1.21
CA LEU A 20 2.22 -6.81 0.16
C LEU A 20 2.34 -8.23 0.66
N ALA A 21 3.25 -8.45 1.61
CA ALA A 21 3.46 -9.77 2.19
C ALA A 21 2.16 -10.37 2.70
N GLU A 22 1.25 -9.50 3.15
CA GLU A 22 -0.03 -9.94 3.67
C GLU A 22 -0.89 -10.55 2.57
N ILE A 23 -0.91 -9.89 1.42
CA ILE A 23 -1.70 -10.37 0.28
C ILE A 23 -0.94 -11.47 -0.48
N GLY A 24 0.20 -11.87 0.07
CA GLY A 24 0.98 -12.91 -0.57
C GLY A 24 1.84 -12.38 -1.70
N ALA A 25 2.29 -11.14 -1.57
CA ALA A 25 3.13 -10.52 -2.59
C ALA A 25 4.57 -10.41 -2.14
N PRO A 26 5.50 -10.55 -3.09
CA PRO A 26 6.95 -10.47 -2.80
C PRO A 26 7.38 -9.05 -2.44
N ILE A 27 8.06 -8.91 -1.32
CA ILE A 27 8.54 -7.62 -0.87
C ILE A 27 9.92 -7.31 -1.42
N GLN A 28 10.15 -7.70 -2.68
CA GLN A 28 11.43 -7.47 -3.33
C GLN A 28 11.37 -6.23 -4.21
N GLY A 29 12.54 -5.64 -4.49
CA GLY A 29 12.61 -4.46 -5.31
C GLY A 29 12.89 -3.20 -4.51
N ASN A 30 12.74 -2.05 -5.14
CA ASN A 30 12.98 -0.77 -4.47
C ASN A 30 11.68 -0.13 -4.02
N ARG A 31 11.78 1.00 -3.34
CA ARG A 31 10.61 1.72 -2.86
C ARG A 31 9.60 1.92 -3.98
N GLU A 32 10.06 2.42 -5.12
CA GLU A 32 9.19 2.66 -6.26
C GLU A 32 8.51 1.37 -6.71
N GLU A 33 9.28 0.28 -6.77
CA GLU A 33 8.75 -1.01 -7.18
C GLU A 33 7.53 -1.38 -6.34
N LEU A 34 7.68 -1.31 -5.02
CA LEU A 34 6.59 -1.65 -4.11
C LEU A 34 5.36 -0.79 -4.39
N VAL A 35 5.54 0.53 -4.34
CA VAL A 35 4.45 1.46 -4.59
C VAL A 35 3.67 1.07 -5.85
N GLU A 36 4.40 0.87 -6.94
CA GLU A 36 3.78 0.50 -8.21
C GLU A 36 2.92 -0.75 -8.05
N ARG A 37 3.51 -1.80 -7.49
CA ARG A 37 2.80 -3.06 -7.28
C ARG A 37 1.41 -2.81 -6.71
N LEU A 38 1.36 -2.14 -5.56
CA LEU A 38 0.10 -1.83 -4.89
C LEU A 38 -0.84 -1.11 -5.84
N GLN A 39 -0.31 -0.14 -6.58
CA GLN A 39 -1.11 0.64 -7.53
C GLN A 39 -1.75 -0.27 -8.57
N SER A 40 -0.97 -1.24 -9.06
CA SER A 40 -1.46 -2.18 -10.06
C SER A 40 -2.61 -3.02 -9.51
N TYR A 41 -2.43 -3.52 -8.29
CA TYR A 41 -3.45 -4.34 -7.65
C TYR A 41 -4.79 -3.60 -7.58
N THR A 42 -4.78 -2.44 -6.92
CA THR A 42 -5.99 -1.64 -6.79
C THR A 42 -6.59 -1.32 -8.15
N ARG A 43 -5.72 -1.06 -9.13
CA ARG A 43 -6.18 -0.74 -10.48
C ARG A 43 -6.85 -1.95 -11.14
N GLN A 44 -6.32 -3.13 -10.85
CA GLN A 44 -6.86 -4.36 -11.41
C GLN A 44 -8.12 -4.80 -10.66
N THR A 45 -7.94 -5.16 -9.39
CA THR A 45 -9.06 -5.60 -8.57
C THR A 45 -10.09 -4.49 -8.39
N GLY A 46 -9.61 -3.32 -7.98
CA GLY A 46 -10.50 -2.18 -7.78
C GLY A 46 -10.73 -1.89 -6.31
N ILE A 47 -10.50 -2.88 -5.47
CA ILE A 47 -10.69 -2.72 -4.03
C ILE A 47 -9.59 -1.85 -3.43
N VAL A 48 -9.90 -0.58 -3.22
CA VAL A 48 -8.94 0.36 -2.65
C VAL A 48 -8.44 -0.14 -1.30
N LEU A 49 -7.13 0.00 -1.08
CA LEU A 49 -6.52 -0.43 0.18
C LEU A 49 -6.40 0.74 1.16
N ASN A 50 -7.16 0.67 2.25
CA ASN A 50 -7.15 1.71 3.26
C ASN A 50 -5.91 1.59 4.14
N ARG A 51 -5.45 2.72 4.65
CA ARG A 51 -4.27 2.76 5.51
C ARG A 51 -4.52 2.00 6.81
N PRO A 52 -3.47 1.32 7.32
CA PRO A 52 -3.56 0.55 8.56
C PRO A 52 -3.72 1.44 9.79
N SER A 53 -2.89 2.47 9.87
CA SER A 53 -2.94 3.39 11.00
C SER A 53 -4.25 4.18 11.02
N GLY A 54 -4.40 5.06 12.00
CA GLY A 54 -5.61 5.84 12.11
C GLY A 54 -5.32 7.31 12.39
N PRO A 55 -6.39 8.12 12.45
CA PRO A 55 -6.27 9.56 12.71
C PRO A 55 -5.86 9.86 14.15
N SER A 56 -5.48 11.10 14.40
CA SER A 56 -5.06 11.51 15.74
C SER A 56 -5.97 12.61 16.29
N SER A 57 -6.12 12.63 17.60
CA SER A 57 -6.97 13.63 18.26
C SER A 57 -6.15 14.84 18.69
N GLY A 58 -6.84 15.87 19.18
CA GLY A 58 -6.16 17.06 19.63
C GLY A 58 -6.85 17.71 20.81
N GLY A 1 -7.67 16.42 -2.95
CA GLY A 1 -8.03 15.17 -2.29
C GLY A 1 -7.43 15.08 -0.90
N SER A 2 -7.77 16.03 -0.03
CA SER A 2 -7.26 16.04 1.33
C SER A 2 -7.74 14.82 2.11
N SER A 3 -9.06 14.62 2.13
CA SER A 3 -9.64 13.50 2.83
C SER A 3 -9.35 12.18 2.12
N GLY A 4 -9.04 11.15 2.90
CA GLY A 4 -8.73 9.85 2.31
C GLY A 4 -7.39 9.83 1.63
N SER A 5 -6.57 8.83 1.96
CA SER A 5 -5.24 8.70 1.38
C SER A 5 -5.32 8.66 -0.15
N SER A 6 -4.74 9.67 -0.79
CA SER A 6 -4.75 9.76 -2.25
C SER A 6 -3.45 9.19 -2.83
N GLY A 7 -3.38 7.86 -2.90
CA GLY A 7 -2.19 7.23 -3.45
C GLY A 7 -1.37 6.53 -2.37
N TYR A 8 -0.49 5.63 -2.80
CA TYR A 8 0.36 4.90 -1.87
C TYR A 8 1.76 5.50 -1.81
N GLY A 9 1.83 6.83 -1.83
CA GLY A 9 3.12 7.50 -1.77
C GLY A 9 3.55 7.82 -0.36
N ALA A 10 2.63 8.36 0.43
CA ALA A 10 2.92 8.72 1.82
C ALA A 10 3.29 7.48 2.63
N TRP A 11 2.75 6.33 2.25
CA TRP A 11 3.02 5.08 2.95
C TRP A 11 4.52 4.89 3.13
N ALA A 12 4.89 4.20 4.21
CA ALA A 12 6.29 3.95 4.50
C ALA A 12 6.68 2.52 4.13
N ALA A 13 7.93 2.33 3.73
CA ALA A 13 8.42 1.01 3.34
C ALA A 13 7.78 -0.09 4.20
N GLN A 14 7.75 0.14 5.52
CA GLN A 14 7.18 -0.83 6.43
C GLN A 14 5.74 -1.16 6.05
N GLU A 15 4.89 -0.14 6.04
CA GLU A 15 3.48 -0.33 5.68
C GLU A 15 3.35 -1.14 4.40
N LEU A 16 3.91 -0.61 3.31
CA LEU A 16 3.85 -1.28 2.01
C LEU A 16 4.25 -2.75 2.15
N GLN A 17 5.46 -2.98 2.66
CA GLN A 17 5.96 -4.33 2.84
C GLN A 17 4.91 -5.23 3.50
N ALA A 18 4.48 -4.85 4.70
CA ALA A 18 3.49 -5.60 5.43
C ALA A 18 2.35 -6.06 4.52
N LYS A 19 1.59 -5.09 4.02
CA LYS A 19 0.48 -5.38 3.12
C LYS A 19 0.88 -6.40 2.06
N LEU A 20 1.84 -6.04 1.22
CA LEU A 20 2.32 -6.93 0.17
C LEU A 20 2.47 -8.35 0.69
N ALA A 21 3.10 -8.49 1.85
CA ALA A 21 3.31 -9.79 2.45
C ALA A 21 1.99 -10.40 2.94
N GLU A 22 1.08 -9.53 3.39
CA GLU A 22 -0.22 -9.97 3.88
C GLU A 22 -1.07 -10.54 2.74
N ILE A 23 -1.05 -9.85 1.60
CA ILE A 23 -1.81 -10.27 0.44
C ILE A 23 -1.22 -11.54 -0.18
N GLY A 24 -0.01 -11.90 0.26
CA GLY A 24 0.64 -13.08 -0.26
C GLY A 24 1.49 -12.78 -1.49
N ALA A 25 2.02 -11.56 -1.55
CA ALA A 25 2.86 -11.15 -2.67
C ALA A 25 4.29 -10.89 -2.23
N PRO A 26 5.23 -11.00 -3.18
CA PRO A 26 6.66 -10.78 -2.90
C PRO A 26 6.97 -9.31 -2.62
N ILE A 27 7.74 -9.07 -1.57
CA ILE A 27 8.12 -7.71 -1.19
C ILE A 27 9.40 -7.28 -1.91
N GLN A 28 9.48 -7.57 -3.20
CA GLN A 28 10.66 -7.22 -3.98
C GLN A 28 10.47 -5.86 -4.66
N GLY A 29 11.58 -5.16 -4.87
CA GLY A 29 11.51 -3.85 -5.49
C GLY A 29 11.72 -2.72 -4.51
N ASN A 30 12.47 -1.70 -4.91
CA ASN A 30 12.74 -0.56 -4.05
C ASN A 30 11.45 0.17 -3.70
N ARG A 31 11.57 1.22 -2.89
CA ARG A 31 10.41 2.01 -2.47
C ARG A 31 9.48 2.26 -3.66
N GLU A 32 10.02 2.86 -4.71
CA GLU A 32 9.23 3.16 -5.91
C GLU A 32 8.54 1.90 -6.43
N GLU A 33 9.28 0.80 -6.50
CA GLU A 33 8.74 -0.46 -6.98
C GLU A 33 7.54 -0.90 -6.13
N LEU A 34 7.78 -1.00 -4.82
CA LEU A 34 6.72 -1.40 -3.89
C LEU A 34 5.43 -0.64 -4.16
N VAL A 35 5.52 0.68 -4.22
CA VAL A 35 4.36 1.52 -4.47
C VAL A 35 3.68 1.13 -5.78
N GLU A 36 4.47 1.03 -6.85
CA GLU A 36 3.93 0.66 -8.15
C GLU A 36 3.22 -0.68 -8.09
N ARG A 37 3.80 -1.62 -7.35
CA ARG A 37 3.23 -2.95 -7.22
C ARG A 37 1.79 -2.87 -6.70
N LEU A 38 1.62 -2.23 -5.54
CA LEU A 38 0.30 -2.09 -4.94
C LEU A 38 -0.67 -1.43 -5.91
N GLN A 39 -0.18 -0.46 -6.67
CA GLN A 39 -1.00 0.26 -7.64
C GLN A 39 -1.50 -0.70 -8.72
N SER A 40 -0.61 -1.55 -9.22
CA SER A 40 -0.96 -2.51 -10.26
C SER A 40 -2.06 -3.45 -9.79
N TYR A 41 -1.91 -3.96 -8.57
CA TYR A 41 -2.89 -4.88 -8.01
C TYR A 41 -4.26 -4.21 -7.91
N THR A 42 -4.30 -3.03 -7.31
CA THR A 42 -5.55 -2.29 -7.15
C THR A 42 -6.27 -2.14 -8.48
N ARG A 43 -5.52 -1.79 -9.52
CA ARG A 43 -6.08 -1.62 -10.86
C ARG A 43 -6.58 -2.95 -11.41
N GLN A 44 -5.69 -3.94 -11.41
CA GLN A 44 -6.05 -5.27 -11.92
C GLN A 44 -7.32 -5.78 -11.28
N THR A 45 -7.31 -5.92 -9.96
CA THR A 45 -8.46 -6.40 -9.22
C THR A 45 -9.55 -5.33 -9.13
N GLY A 46 -9.17 -4.15 -8.65
CA GLY A 46 -10.13 -3.07 -8.53
C GLY A 46 -10.55 -2.83 -7.09
N ILE A 47 -9.65 -3.12 -6.16
CA ILE A 47 -9.94 -2.94 -4.74
C ILE A 47 -8.90 -2.04 -4.08
N VAL A 48 -9.30 -0.81 -3.77
CA VAL A 48 -8.39 0.15 -3.14
C VAL A 48 -8.13 -0.23 -1.68
N LEU A 49 -6.88 -0.56 -1.39
CA LEU A 49 -6.49 -0.95 -0.04
C LEU A 49 -6.38 0.28 0.86
N ASN A 50 -6.23 0.04 2.16
CA ASN A 50 -6.10 1.12 3.13
C ASN A 50 -5.20 0.71 4.29
N ARG A 51 -4.47 1.69 4.83
CA ARG A 51 -3.57 1.43 5.95
C ARG A 51 -4.30 0.70 7.08
N PRO A 52 -3.58 -0.21 7.76
CA PRO A 52 -4.13 -0.99 8.86
C PRO A 52 -4.39 -0.14 10.10
N SER A 53 -3.68 0.98 10.20
CA SER A 53 -3.84 1.88 11.33
C SER A 53 -5.27 2.37 11.46
N GLY A 54 -5.71 2.61 12.69
CA GLY A 54 -7.06 3.08 12.92
C GLY A 54 -8.01 1.95 13.26
N PRO A 55 -9.01 2.24 14.12
CA PRO A 55 -10.00 1.25 14.54
C PRO A 55 -10.96 0.88 13.41
N SER A 56 -11.54 -0.31 13.50
CA SER A 56 -12.47 -0.78 12.49
C SER A 56 -13.65 -1.53 13.13
N SER A 57 -14.87 -1.12 12.78
CA SER A 57 -16.06 -1.75 13.32
C SER A 57 -16.15 -3.21 12.91
N GLY A 58 -15.76 -4.10 13.83
CA GLY A 58 -15.81 -5.52 13.54
C GLY A 58 -15.66 -6.36 14.80
N GLY A 1 -17.61 11.06 2.19
CA GLY A 1 -16.76 10.26 3.06
C GLY A 1 -15.35 10.81 3.16
N SER A 2 -14.40 9.94 3.43
CA SER A 2 -12.99 10.34 3.56
C SER A 2 -12.08 9.38 2.80
N SER A 3 -12.51 8.99 1.59
CA SER A 3 -11.74 8.07 0.77
C SER A 3 -10.80 8.83 -0.16
N GLY A 4 -9.50 8.58 -0.01
CA GLY A 4 -8.52 9.25 -0.84
C GLY A 4 -8.49 8.71 -2.26
N SER A 5 -7.35 8.86 -2.93
CA SER A 5 -7.20 8.39 -4.30
C SER A 5 -5.83 7.76 -4.51
N SER A 6 -5.64 7.13 -5.67
CA SER A 6 -4.37 6.49 -6.00
C SER A 6 -3.20 7.30 -5.45
N GLY A 7 -2.43 6.68 -4.55
CA GLY A 7 -1.29 7.36 -3.97
C GLY A 7 -0.76 6.65 -2.74
N TYR A 8 0.12 5.68 -2.95
CA TYR A 8 0.69 4.90 -1.86
C TYR A 8 2.15 5.31 -1.63
N GLY A 9 2.42 6.62 -1.68
CA GLY A 9 3.76 7.11 -1.47
C GLY A 9 4.04 7.46 -0.02
N ALA A 10 3.24 8.37 0.53
CA ALA A 10 3.39 8.80 1.91
C ALA A 10 3.63 7.59 2.82
N TRP A 11 3.15 6.42 2.41
CA TRP A 11 3.31 5.21 3.20
C TRP A 11 4.79 4.91 3.44
N ALA A 12 5.06 4.13 4.48
CA ALA A 12 6.43 3.78 4.83
C ALA A 12 6.76 2.36 4.37
N ALA A 13 8.03 2.09 4.12
CA ALA A 13 8.47 0.78 3.67
C ALA A 13 7.78 -0.33 4.47
N GLN A 14 7.92 -0.27 5.79
CA GLN A 14 7.32 -1.26 6.67
C GLN A 14 5.83 -1.44 6.35
N GLU A 15 5.12 -0.33 6.27
CA GLU A 15 3.69 -0.36 5.97
C GLU A 15 3.42 -1.10 4.67
N LEU A 16 4.03 -0.61 3.58
CA LEU A 16 3.85 -1.23 2.27
C LEU A 16 4.20 -2.71 2.33
N GLN A 17 5.44 -3.01 2.68
CA GLN A 17 5.90 -4.40 2.76
C GLN A 17 4.84 -5.29 3.41
N ALA A 18 4.48 -4.94 4.64
CA ALA A 18 3.48 -5.70 5.38
C ALA A 18 2.28 -6.02 4.51
N LYS A 19 1.61 -4.98 4.02
CA LYS A 19 0.43 -5.15 3.17
C LYS A 19 0.73 -6.13 2.04
N LEU A 20 1.71 -5.79 1.21
CA LEU A 20 2.09 -6.64 0.08
C LEU A 20 2.21 -8.09 0.51
N ALA A 21 3.10 -8.36 1.46
CA ALA A 21 3.31 -9.71 1.96
C ALA A 21 2.01 -10.28 2.54
N GLU A 22 1.17 -9.40 3.05
CA GLU A 22 -0.11 -9.81 3.64
C GLU A 22 -1.00 -10.48 2.60
N ILE A 23 -0.99 -9.93 1.38
CA ILE A 23 -1.80 -10.47 0.29
C ILE A 23 -1.06 -11.59 -0.43
N GLY A 24 0.14 -11.92 0.05
CA GLY A 24 0.92 -12.97 -0.57
C GLY A 24 1.78 -12.47 -1.70
N ALA A 25 2.21 -11.22 -1.61
CA ALA A 25 3.06 -10.61 -2.64
C ALA A 25 4.50 -10.47 -2.16
N PRO A 26 5.44 -10.54 -3.11
CA PRO A 26 6.87 -10.41 -2.81
C PRO A 26 7.26 -9.00 -2.38
N ILE A 27 7.95 -8.90 -1.25
CA ILE A 27 8.39 -7.61 -0.73
C ILE A 27 9.80 -7.26 -1.20
N GLN A 28 10.09 -7.57 -2.46
CA GLN A 28 11.40 -7.30 -3.03
C GLN A 28 11.38 -6.03 -3.87
N GLY A 29 12.56 -5.47 -4.13
CA GLY A 29 12.65 -4.27 -4.92
C GLY A 29 12.77 -3.02 -4.06
N ASN A 30 12.82 -1.85 -4.71
CA ASN A 30 12.92 -0.59 -4.00
C ASN A 30 11.55 -0.01 -3.70
N ARG A 31 11.52 1.07 -2.91
CA ARG A 31 10.26 1.71 -2.56
C ARG A 31 9.37 1.88 -3.77
N GLU A 32 9.90 2.48 -4.83
CA GLU A 32 9.15 2.70 -6.06
C GLU A 32 8.44 1.41 -6.49
N GLU A 33 9.22 0.36 -6.70
CA GLU A 33 8.66 -0.92 -7.12
C GLU A 33 7.44 -1.29 -6.28
N LEU A 34 7.61 -1.28 -4.96
CA LEU A 34 6.51 -1.61 -4.06
C LEU A 34 5.26 -0.80 -4.39
N VAL A 35 5.41 0.53 -4.39
CA VAL A 35 4.29 1.41 -4.70
C VAL A 35 3.59 0.99 -5.99
N GLU A 36 4.38 0.78 -7.03
CA GLU A 36 3.83 0.36 -8.32
C GLU A 36 2.97 -0.89 -8.19
N ARG A 37 3.50 -1.87 -7.47
CA ARG A 37 2.78 -3.12 -7.25
C ARG A 37 1.38 -2.87 -6.71
N LEU A 38 1.29 -2.13 -5.61
CA LEU A 38 0.01 -1.81 -5.00
C LEU A 38 -0.92 -1.13 -5.99
N GLN A 39 -0.40 -0.12 -6.68
CA GLN A 39 -1.19 0.61 -7.68
C GLN A 39 -1.71 -0.34 -8.75
N SER A 40 -0.88 -1.29 -9.16
CA SER A 40 -1.25 -2.25 -10.18
C SER A 40 -2.39 -3.15 -9.69
N TYR A 41 -2.32 -3.54 -8.43
CA TYR A 41 -3.34 -4.41 -7.84
C TYR A 41 -4.66 -3.66 -7.70
N THR A 42 -4.61 -2.47 -7.13
CA THR A 42 -5.81 -1.65 -6.93
C THR A 42 -6.55 -1.44 -8.23
N ARG A 43 -5.81 -1.14 -9.29
CA ARG A 43 -6.40 -0.91 -10.61
C ARG A 43 -6.93 -2.22 -11.20
N GLN A 44 -6.12 -3.27 -11.09
CA GLN A 44 -6.51 -4.58 -11.62
C GLN A 44 -7.79 -5.07 -10.96
N THR A 45 -7.71 -5.38 -9.67
CA THR A 45 -8.86 -5.86 -8.92
C THR A 45 -9.94 -4.80 -8.83
N GLY A 46 -9.55 -3.59 -8.44
CA GLY A 46 -10.50 -2.50 -8.32
C GLY A 46 -10.95 -2.27 -6.88
N ILE A 47 -10.07 -2.60 -5.94
CA ILE A 47 -10.38 -2.44 -4.52
C ILE A 47 -9.33 -1.59 -3.82
N VAL A 48 -9.68 -0.35 -3.52
CA VAL A 48 -8.76 0.56 -2.85
C VAL A 48 -8.47 0.10 -1.42
N LEU A 49 -7.21 0.15 -1.04
CA LEU A 49 -6.79 -0.26 0.30
C LEU A 49 -6.68 0.94 1.23
N ASN A 50 -6.88 0.69 2.52
CA ASN A 50 -6.81 1.76 3.52
C ASN A 50 -5.50 1.67 4.31
N ARG A 51 -5.13 2.78 4.94
CA ARG A 51 -3.90 2.83 5.73
C ARG A 51 -4.04 2.01 7.01
N PRO A 52 -2.94 1.40 7.45
CA PRO A 52 -2.92 0.58 8.67
C PRO A 52 -3.07 1.42 9.94
N SER A 53 -3.13 0.75 11.08
CA SER A 53 -3.27 1.45 12.36
C SER A 53 -2.02 2.25 12.69
N GLY A 54 -2.12 3.10 13.71
CA GLY A 54 -0.99 3.92 14.11
C GLY A 54 -0.96 4.17 15.61
N PRO A 55 -0.58 3.14 16.37
CA PRO A 55 -0.51 3.22 17.83
C PRO A 55 0.65 4.11 18.30
N SER A 56 0.30 5.22 18.94
CA SER A 56 1.30 6.16 19.43
C SER A 56 1.87 5.70 20.76
N SER A 57 0.98 5.39 21.72
CA SER A 57 1.39 4.93 23.03
C SER A 57 2.39 3.79 22.93
N GLY A 58 2.05 2.79 22.12
CA GLY A 58 2.93 1.64 21.94
C GLY A 58 2.45 0.44 22.71
N GLY A 1 -13.35 14.85 3.71
CA GLY A 1 -12.37 14.02 3.02
C GLY A 1 -13.01 12.96 2.16
N SER A 2 -13.15 13.25 0.86
CA SER A 2 -13.76 12.32 -0.07
C SER A 2 -12.76 11.23 -0.48
N SER A 3 -13.28 10.12 -0.99
CA SER A 3 -12.44 9.01 -1.41
C SER A 3 -12.29 8.99 -2.94
N GLY A 4 -11.10 8.63 -3.40
CA GLY A 4 -10.84 8.58 -4.83
C GLY A 4 -9.39 8.29 -5.15
N SER A 5 -8.66 9.33 -5.53
CA SER A 5 -7.25 9.20 -5.88
C SER A 5 -6.48 8.53 -4.75
N SER A 6 -5.50 7.71 -5.10
CA SER A 6 -4.69 6.99 -4.12
C SER A 6 -3.36 7.70 -3.91
N GLY A 7 -2.60 7.24 -2.91
CA GLY A 7 -1.32 7.83 -2.63
C GLY A 7 -0.42 6.92 -1.80
N TYR A 8 -0.25 5.70 -2.27
CA TYR A 8 0.58 4.72 -1.57
C TYR A 8 1.99 5.26 -1.35
N GLY A 9 2.45 6.09 -2.27
CA GLY A 9 3.78 6.67 -2.16
C GLY A 9 4.05 7.25 -0.78
N ALA A 10 2.99 7.72 -0.13
CA ALA A 10 3.11 8.31 1.20
C ALA A 10 3.44 7.24 2.24
N TRP A 11 2.89 6.04 2.05
CA TRP A 11 3.12 4.94 2.97
C TRP A 11 4.61 4.76 3.23
N ALA A 12 4.94 4.04 4.30
CA ALA A 12 6.33 3.79 4.66
C ALA A 12 6.76 2.40 4.23
N ALA A 13 8.06 2.25 3.94
CA ALA A 13 8.60 0.96 3.52
C ALA A 13 8.00 -0.17 4.33
N GLN A 14 7.78 0.07 5.62
CA GLN A 14 7.21 -0.95 6.50
C GLN A 14 5.79 -1.29 6.08
N GLU A 15 4.92 -0.29 6.04
CA GLU A 15 3.53 -0.49 5.66
C GLU A 15 3.44 -1.29 4.35
N LEU A 16 4.08 -0.79 3.30
CA LEU A 16 4.06 -1.46 2.01
C LEU A 16 4.46 -2.92 2.15
N GLN A 17 5.60 -3.17 2.79
CA GLN A 17 6.08 -4.53 2.98
C GLN A 17 5.04 -5.37 3.70
N ALA A 18 4.45 -4.81 4.75
CA ALA A 18 3.43 -5.52 5.53
C ALA A 18 2.31 -6.03 4.63
N LYS A 19 1.66 -5.10 3.92
CA LYS A 19 0.57 -5.45 3.03
C LYS A 19 1.03 -6.42 1.96
N LEU A 20 1.94 -5.96 1.09
CA LEU A 20 2.47 -6.80 0.02
C LEU A 20 2.68 -8.23 0.50
N ALA A 21 3.15 -8.37 1.74
CA ALA A 21 3.40 -9.68 2.31
C ALA A 21 2.11 -10.30 2.84
N GLU A 22 1.22 -9.45 3.36
CA GLU A 22 -0.04 -9.92 3.91
C GLU A 22 -0.93 -10.51 2.81
N ILE A 23 -1.09 -9.75 1.72
CA ILE A 23 -1.90 -10.20 0.60
C ILE A 23 -1.31 -11.45 -0.04
N GLY A 24 -0.11 -11.81 0.37
CA GLY A 24 0.55 -12.98 -0.17
C GLY A 24 1.33 -12.68 -1.44
N ALA A 25 1.88 -11.48 -1.51
CA ALA A 25 2.66 -11.06 -2.67
C ALA A 25 4.14 -10.86 -2.30
N PRO A 26 5.00 -10.87 -3.32
CA PRO A 26 6.44 -10.68 -3.13
C PRO A 26 6.80 -9.26 -2.71
N ILE A 27 7.63 -9.15 -1.67
CA ILE A 27 8.05 -7.85 -1.17
C ILE A 27 9.38 -7.42 -1.78
N GLN A 28 9.49 -7.54 -3.10
CA GLN A 28 10.71 -7.17 -3.81
C GLN A 28 10.56 -5.81 -4.47
N GLY A 29 11.69 -5.10 -4.61
CA GLY A 29 11.66 -3.79 -5.24
C GLY A 29 11.86 -2.66 -4.23
N ASN A 30 12.36 -1.53 -4.71
CA ASN A 30 12.62 -0.39 -3.84
C ASN A 30 11.33 0.40 -3.59
N ARG A 31 11.43 1.45 -2.78
CA ARG A 31 10.28 2.27 -2.46
C ARG A 31 9.36 2.42 -3.66
N GLU A 32 9.88 2.98 -4.74
CA GLU A 32 9.10 3.17 -5.96
C GLU A 32 8.44 1.87 -6.39
N GLU A 33 9.22 0.80 -6.41
CA GLU A 33 8.71 -0.51 -6.82
C GLU A 33 7.52 -0.91 -5.96
N LEU A 34 7.71 -0.93 -4.64
CA LEU A 34 6.65 -1.30 -3.72
C LEU A 34 5.35 -0.57 -4.07
N VAL A 35 5.44 0.75 -4.23
CA VAL A 35 4.28 1.56 -4.57
C VAL A 35 3.66 1.11 -5.89
N GLU A 36 4.48 1.00 -6.92
CA GLU A 36 4.02 0.58 -8.24
C GLU A 36 3.28 -0.74 -8.15
N ARG A 37 3.82 -1.68 -7.37
CA ARG A 37 3.22 -2.99 -7.21
C ARG A 37 1.79 -2.87 -6.68
N LEU A 38 1.64 -2.19 -5.55
CA LEU A 38 0.33 -2.01 -4.94
C LEU A 38 -0.65 -1.40 -5.94
N GLN A 39 -0.15 -0.54 -6.82
CA GLN A 39 -0.99 0.11 -7.83
C GLN A 39 -1.49 -0.92 -8.85
N SER A 40 -0.56 -1.65 -9.44
CA SER A 40 -0.91 -2.66 -10.44
C SER A 40 -2.04 -3.55 -9.94
N TYR A 41 -1.92 -4.01 -8.70
CA TYR A 41 -2.92 -4.88 -8.11
C TYR A 41 -4.28 -4.17 -8.03
N THR A 42 -4.32 -3.08 -7.29
CA THR A 42 -5.55 -2.31 -7.14
C THR A 42 -6.18 -2.00 -8.49
N ARG A 43 -5.37 -2.08 -9.54
CA ARG A 43 -5.84 -1.82 -10.90
C ARG A 43 -6.31 -3.10 -11.58
N GLN A 44 -5.68 -4.21 -11.22
CA GLN A 44 -6.03 -5.50 -11.80
C GLN A 44 -7.30 -6.06 -11.15
N THR A 45 -7.41 -5.89 -9.83
CA THR A 45 -8.56 -6.38 -9.09
C THR A 45 -9.61 -5.29 -8.93
N GLY A 46 -9.14 -4.06 -8.66
CA GLY A 46 -10.05 -2.94 -8.48
C GLY A 46 -10.49 -2.78 -7.04
N ILE A 47 -9.70 -3.33 -6.12
CA ILE A 47 -10.02 -3.25 -4.70
C ILE A 47 -9.06 -2.32 -3.97
N VAL A 48 -9.56 -1.16 -3.54
CA VAL A 48 -8.75 -0.19 -2.82
C VAL A 48 -8.15 -0.80 -1.56
N LEU A 49 -6.92 -0.41 -1.25
CA LEU A 49 -6.24 -0.91 -0.06
C LEU A 49 -5.97 0.23 0.93
N ASN A 50 -6.93 0.44 1.84
CA ASN A 50 -6.80 1.49 2.85
C ASN A 50 -5.66 1.17 3.81
N ARG A 51 -5.25 2.18 4.59
CA ARG A 51 -4.18 2.01 5.56
C ARG A 51 -4.67 1.29 6.81
N PRO A 52 -3.79 0.48 7.41
CA PRO A 52 -4.12 -0.28 8.63
C PRO A 52 -4.28 0.62 9.84
N SER A 53 -4.47 0.00 11.01
CA SER A 53 -4.64 0.75 12.25
C SER A 53 -4.39 -0.14 13.46
N GLY A 54 -3.29 0.12 14.15
CA GLY A 54 -2.94 -0.67 15.32
C GLY A 54 -2.59 0.20 16.53
N PRO A 55 -2.39 -0.44 17.68
CA PRO A 55 -2.04 0.25 18.93
C PRO A 55 -0.63 0.82 18.89
N SER A 56 -0.49 2.03 18.37
CA SER A 56 0.81 2.69 18.28
C SER A 56 1.62 2.47 19.55
N SER A 57 2.73 1.76 19.43
CA SER A 57 3.59 1.48 20.57
C SER A 57 4.71 2.51 20.67
N GLY A 58 4.44 3.60 21.38
CA GLY A 58 5.44 4.64 21.53
C GLY A 58 4.94 5.81 22.38
N GLY A 1 -6.11 17.11 5.02
CA GLY A 1 -5.41 17.57 6.21
C GLY A 1 -3.93 17.77 5.98
N SER A 2 -3.58 18.88 5.32
CA SER A 2 -2.18 19.19 5.04
C SER A 2 -1.46 17.96 4.48
N SER A 3 -2.14 17.26 3.58
CA SER A 3 -1.56 16.06 2.96
C SER A 3 -1.28 16.30 1.48
N GLY A 4 -0.02 16.11 1.09
CA GLY A 4 0.37 16.30 -0.29
C GLY A 4 1.07 15.09 -0.87
N SER A 5 0.43 13.93 -0.76
CA SER A 5 0.99 12.69 -1.26
C SER A 5 0.18 12.17 -2.44
N SER A 6 0.77 11.26 -3.22
CA SER A 6 0.10 10.68 -4.37
C SER A 6 0.11 9.16 -4.31
N GLY A 7 -0.94 8.54 -4.84
CA GLY A 7 -1.03 7.09 -4.82
C GLY A 7 -0.70 6.50 -3.47
N TYR A 8 0.38 5.73 -3.41
CA TYR A 8 0.80 5.10 -2.16
C TYR A 8 2.22 5.49 -1.80
N GLY A 9 2.54 6.77 -2.00
CA GLY A 9 3.87 7.26 -1.69
C GLY A 9 4.06 7.53 -0.21
N ALA A 10 3.22 8.40 0.34
CA ALA A 10 3.30 8.74 1.76
C ALA A 10 3.58 7.50 2.61
N TRP A 11 3.04 6.36 2.18
CA TRP A 11 3.24 5.11 2.91
C TRP A 11 4.73 4.85 3.14
N ALA A 12 5.04 4.17 4.23
CA ALA A 12 6.42 3.84 4.56
C ALA A 12 6.75 2.40 4.17
N ALA A 13 8.00 2.18 3.76
CA ALA A 13 8.44 0.84 3.37
C ALA A 13 7.76 -0.23 4.21
N GLN A 14 7.85 -0.10 5.53
CA GLN A 14 7.25 -1.07 6.44
C GLN A 14 5.79 -1.31 6.08
N GLU A 15 5.00 -0.24 6.05
CA GLU A 15 3.58 -0.35 5.71
C GLU A 15 3.38 -1.18 4.44
N LEU A 16 3.94 -0.69 3.33
CA LEU A 16 3.83 -1.38 2.06
C LEU A 16 4.16 -2.86 2.21
N GLN A 17 5.37 -3.14 2.71
CA GLN A 17 5.81 -4.52 2.90
C GLN A 17 4.73 -5.35 3.57
N ALA A 18 4.38 -5.00 4.80
CA ALA A 18 3.36 -5.72 5.55
C ALA A 18 2.19 -6.11 4.63
N LYS A 19 1.53 -5.11 4.08
CA LYS A 19 0.40 -5.34 3.19
C LYS A 19 0.77 -6.29 2.06
N LEU A 20 1.74 -5.90 1.25
CA LEU A 20 2.21 -6.72 0.14
C LEU A 20 2.31 -8.19 0.56
N ALA A 21 3.18 -8.45 1.52
CA ALA A 21 3.37 -9.81 2.01
C ALA A 21 2.07 -10.39 2.56
N GLU A 22 1.22 -9.52 3.09
CA GLU A 22 -0.06 -9.95 3.64
C GLU A 22 -0.92 -10.61 2.57
N ILE A 23 -1.02 -9.96 1.42
CA ILE A 23 -1.81 -10.48 0.31
C ILE A 23 -1.09 -11.61 -0.40
N GLY A 24 0.11 -11.93 0.08
CA GLY A 24 0.89 -12.99 -0.53
C GLY A 24 1.83 -12.48 -1.61
N ALA A 25 2.13 -11.18 -1.57
CA ALA A 25 3.02 -10.58 -2.55
C ALA A 25 4.44 -10.49 -2.01
N PRO A 26 5.43 -10.65 -2.91
CA PRO A 26 6.84 -10.60 -2.56
C PRO A 26 7.29 -9.18 -2.17
N ILE A 27 8.02 -9.09 -1.07
CA ILE A 27 8.52 -7.80 -0.59
C ILE A 27 9.88 -7.47 -1.19
N GLN A 28 10.00 -7.65 -2.50
CA GLN A 28 11.26 -7.38 -3.20
C GLN A 28 11.16 -6.06 -3.98
N GLY A 29 12.32 -5.54 -4.39
CA GLY A 29 12.35 -4.31 -5.13
C GLY A 29 12.58 -3.10 -4.25
N ASN A 30 12.60 -1.91 -4.86
CA ASN A 30 12.82 -0.69 -4.11
C ASN A 30 11.49 0.01 -3.79
N ARG A 31 11.56 1.05 -2.97
CA ARG A 31 10.36 1.79 -2.59
C ARG A 31 9.45 2.00 -3.78
N GLU A 32 9.99 2.60 -4.85
CA GLU A 32 9.22 2.87 -6.05
C GLU A 32 8.51 1.61 -6.53
N GLU A 33 9.28 0.53 -6.68
CA GLU A 33 8.72 -0.74 -7.14
C GLU A 33 7.48 -1.12 -6.35
N LEU A 34 7.63 -1.17 -5.03
CA LEU A 34 6.52 -1.52 -4.15
C LEU A 34 5.29 -0.67 -4.46
N VAL A 35 5.48 0.65 -4.48
CA VAL A 35 4.39 1.57 -4.77
C VAL A 35 3.67 1.19 -6.05
N GLU A 36 4.44 0.83 -7.07
CA GLU A 36 3.88 0.44 -8.37
C GLU A 36 3.02 -0.81 -8.22
N ARG A 37 3.53 -1.79 -7.48
CA ARG A 37 2.81 -3.05 -7.27
C ARG A 37 1.41 -2.77 -6.73
N LEU A 38 1.33 -2.10 -5.59
CA LEU A 38 0.06 -1.77 -4.96
C LEU A 38 -0.87 -1.06 -5.94
N GLN A 39 -0.31 -0.09 -6.66
CA GLN A 39 -1.09 0.67 -7.64
C GLN A 39 -1.70 -0.24 -8.68
N SER A 40 -0.93 -1.25 -9.11
CA SER A 40 -1.40 -2.19 -10.11
C SER A 40 -2.57 -3.02 -9.58
N TYR A 41 -2.39 -3.61 -8.41
CA TYR A 41 -3.41 -4.43 -7.79
C TYR A 41 -4.71 -3.63 -7.61
N THR A 42 -4.57 -2.43 -7.05
CA THR A 42 -5.73 -1.56 -6.82
C THR A 42 -6.46 -1.27 -8.13
N ARG A 43 -5.70 -0.89 -9.16
CA ARG A 43 -6.27 -0.57 -10.45
C ARG A 43 -6.89 -1.82 -11.09
N GLN A 44 -6.24 -2.96 -10.89
CA GLN A 44 -6.72 -4.22 -11.46
C GLN A 44 -8.05 -4.62 -10.82
N THR A 45 -8.00 -4.98 -9.54
CA THR A 45 -9.20 -5.39 -8.82
C THR A 45 -10.14 -4.20 -8.59
N GLY A 46 -9.54 -3.03 -8.36
CA GLY A 46 -10.33 -1.83 -8.13
C GLY A 46 -10.42 -1.48 -6.66
N ILE A 47 -10.27 -2.48 -5.79
CA ILE A 47 -10.34 -2.27 -4.36
C ILE A 47 -9.23 -1.32 -3.90
N VAL A 48 -9.64 -0.19 -3.33
CA VAL A 48 -8.68 0.81 -2.84
C VAL A 48 -8.13 0.42 -1.48
N LEU A 49 -6.85 0.05 -1.43
CA LEU A 49 -6.20 -0.34 -0.19
C LEU A 49 -6.10 0.84 0.77
N ASN A 50 -6.86 0.78 1.85
CA ASN A 50 -6.84 1.85 2.85
C ASN A 50 -5.75 1.62 3.88
N ARG A 51 -4.99 2.67 4.18
CA ARG A 51 -3.91 2.57 5.15
C ARG A 51 -4.30 1.67 6.32
N PRO A 52 -3.30 1.14 7.02
CA PRO A 52 -3.52 0.25 8.17
C PRO A 52 -4.08 0.99 9.37
N SER A 53 -3.48 2.13 9.70
CA SER A 53 -3.93 2.93 10.82
C SER A 53 -5.43 3.19 10.76
N GLY A 54 -6.14 2.87 11.83
CA GLY A 54 -7.57 3.07 11.87
C GLY A 54 -8.34 1.78 12.12
N PRO A 55 -9.62 1.91 12.50
CA PRO A 55 -10.48 0.76 12.78
C PRO A 55 -10.84 -0.01 11.52
N SER A 56 -10.08 -1.07 11.24
CA SER A 56 -10.32 -1.89 10.06
C SER A 56 -11.49 -2.84 10.29
N SER A 57 -11.93 -3.50 9.22
CA SER A 57 -13.05 -4.43 9.29
C SER A 57 -12.85 -5.42 10.44
N GLY A 58 -13.80 -5.44 11.37
CA GLY A 58 -13.71 -6.33 12.50
C GLY A 58 -14.11 -5.66 13.80
N GLY A 1 -2.09 16.45 13.19
CA GLY A 1 -1.45 16.66 11.90
C GLY A 1 -1.81 15.59 10.89
N SER A 2 -0.79 15.05 10.22
CA SER A 2 -1.00 14.00 9.22
C SER A 2 -1.78 14.54 8.03
N SER A 3 -1.46 15.77 7.63
CA SER A 3 -2.12 16.41 6.51
C SER A 3 -1.15 16.65 5.36
N GLY A 4 -1.52 16.21 4.17
CA GLY A 4 -0.68 16.38 3.01
C GLY A 4 0.05 15.12 2.62
N SER A 5 -0.71 14.08 2.26
CA SER A 5 -0.13 12.81 1.86
C SER A 5 -0.21 12.62 0.35
N SER A 6 0.69 11.80 -0.18
CA SER A 6 0.74 11.54 -1.62
C SER A 6 0.45 10.07 -1.90
N GLY A 7 -0.84 9.72 -1.94
CA GLY A 7 -1.22 8.35 -2.21
C GLY A 7 -0.34 7.35 -1.50
N TYR A 8 -0.05 6.23 -2.16
CA TYR A 8 0.78 5.19 -1.57
C TYR A 8 2.23 5.66 -1.42
N GLY A 9 2.69 6.43 -2.40
CA GLY A 9 4.05 6.95 -2.36
C GLY A 9 4.46 7.41 -0.97
N ALA A 10 3.51 8.04 -0.26
CA ALA A 10 3.77 8.53 1.08
C ALA A 10 4.09 7.39 2.03
N TRP A 11 3.39 6.28 1.87
CA TRP A 11 3.60 5.10 2.72
C TRP A 11 5.08 4.81 2.90
N ALA A 12 5.43 4.21 4.03
CA ALA A 12 6.82 3.87 4.31
C ALA A 12 7.12 2.43 3.94
N ALA A 13 8.40 2.13 3.69
CA ALA A 13 8.82 0.79 3.33
C ALA A 13 8.09 -0.26 4.16
N GLN A 14 7.97 -0.01 5.46
CA GLN A 14 7.29 -0.94 6.35
C GLN A 14 5.84 -1.13 5.94
N GLU A 15 5.04 -0.08 6.02
CA GLU A 15 3.63 -0.14 5.66
C GLU A 15 3.45 -0.92 4.36
N LEU A 16 4.06 -0.43 3.29
CA LEU A 16 3.97 -1.08 1.98
C LEU A 16 4.28 -2.57 2.10
N GLN A 17 5.49 -2.90 2.50
CA GLN A 17 5.91 -4.28 2.65
C GLN A 17 4.85 -5.10 3.37
N ALA A 18 4.35 -4.57 4.47
CA ALA A 18 3.32 -5.24 5.25
C ALA A 18 2.17 -5.71 4.36
N LYS A 19 1.49 -4.77 3.73
CA LYS A 19 0.38 -5.09 2.83
C LYS A 19 0.76 -6.20 1.86
N LEU A 20 1.91 -6.03 1.21
CA LEU A 20 2.38 -7.03 0.25
C LEU A 20 2.43 -8.41 0.88
N ALA A 21 3.21 -8.54 1.96
CA ALA A 21 3.35 -9.81 2.66
C ALA A 21 1.98 -10.40 3.00
N GLU A 22 1.04 -9.52 3.34
CA GLU A 22 -0.31 -9.95 3.69
C GLU A 22 -1.00 -10.60 2.48
N ILE A 23 -1.06 -9.88 1.38
CA ILE A 23 -1.70 -10.39 0.17
C ILE A 23 -0.98 -11.62 -0.35
N GLY A 24 0.24 -11.85 0.14
CA GLY A 24 1.01 -13.00 -0.29
C GLY A 24 1.80 -12.73 -1.56
N ALA A 25 2.13 -11.46 -1.80
CA ALA A 25 2.88 -11.08 -2.99
C ALA A 25 4.35 -10.88 -2.66
N PRO A 26 5.18 -10.77 -3.70
CA PRO A 26 6.63 -10.58 -3.55
C PRO A 26 6.97 -9.20 -3.00
N ILE A 27 7.55 -9.17 -1.81
CA ILE A 27 7.93 -7.91 -1.18
C ILE A 27 9.31 -7.47 -1.63
N GLN A 28 9.59 -7.61 -2.93
CA GLN A 28 10.87 -7.23 -3.49
C GLN A 28 10.77 -5.88 -4.22
N GLY A 29 11.87 -5.14 -4.23
CA GLY A 29 11.88 -3.85 -4.90
C GLY A 29 12.01 -2.70 -3.93
N ASN A 30 12.56 -1.58 -4.40
CA ASN A 30 12.74 -0.41 -3.55
C ASN A 30 11.43 0.34 -3.37
N ARG A 31 11.46 1.39 -2.54
CA ARG A 31 10.27 2.18 -2.27
C ARG A 31 9.40 2.29 -3.52
N GLU A 32 9.98 2.77 -4.61
CA GLU A 32 9.25 2.92 -5.87
C GLU A 32 8.57 1.61 -6.26
N GLU A 33 9.37 0.55 -6.39
CA GLU A 33 8.84 -0.76 -6.77
C GLU A 33 7.56 -1.07 -5.99
N LEU A 34 7.68 -1.17 -4.67
CA LEU A 34 6.54 -1.47 -3.82
C LEU A 34 5.32 -0.64 -4.23
N VAL A 35 5.52 0.67 -4.35
CA VAL A 35 4.44 1.57 -4.74
C VAL A 35 3.72 1.05 -5.98
N GLU A 36 4.48 0.60 -6.97
CA GLU A 36 3.90 0.09 -8.20
C GLU A 36 3.11 -1.19 -7.93
N ARG A 37 3.59 -2.00 -7.00
CA ARG A 37 2.92 -3.26 -6.65
C ARG A 37 1.50 -2.99 -6.19
N LEU A 38 1.35 -2.16 -5.16
CA LEU A 38 0.03 -1.83 -4.63
C LEU A 38 -0.83 -1.14 -5.69
N GLN A 39 -0.18 -0.36 -6.55
CA GLN A 39 -0.89 0.36 -7.60
C GLN A 39 -1.41 -0.61 -8.66
N SER A 40 -0.60 -1.60 -9.01
CA SER A 40 -0.98 -2.59 -10.01
C SER A 40 -2.15 -3.43 -9.52
N TYR A 41 -2.09 -3.85 -8.26
CA TYR A 41 -3.14 -4.66 -7.67
C TYR A 41 -4.45 -3.87 -7.56
N THR A 42 -4.35 -2.62 -7.15
CA THR A 42 -5.51 -1.76 -7.00
C THR A 42 -6.26 -1.62 -8.32
N ARG A 43 -5.52 -1.37 -9.39
CA ARG A 43 -6.11 -1.22 -10.72
C ARG A 43 -6.62 -2.56 -11.24
N GLN A 44 -5.70 -3.51 -11.39
CA GLN A 44 -6.06 -4.84 -11.88
C GLN A 44 -7.41 -5.27 -11.35
N THR A 45 -7.52 -5.40 -10.03
CA THR A 45 -8.76 -5.81 -9.41
C THR A 45 -9.77 -4.67 -9.38
N GLY A 46 -9.33 -3.51 -8.91
CA GLY A 46 -10.20 -2.36 -8.83
C GLY A 46 -10.61 -2.01 -7.41
N ILE A 47 -9.73 -2.34 -6.46
CA ILE A 47 -10.01 -2.07 -5.06
C ILE A 47 -8.85 -1.31 -4.41
N VAL A 48 -9.15 -0.13 -3.88
CA VAL A 48 -8.14 0.69 -3.23
C VAL A 48 -7.90 0.24 -1.80
N LEU A 49 -6.65 -0.10 -1.48
CA LEU A 49 -6.29 -0.55 -0.14
C LEU A 49 -6.13 0.64 0.81
N ASN A 50 -7.16 0.89 1.62
CA ASN A 50 -7.12 1.99 2.57
C ASN A 50 -5.92 1.87 3.50
N ARG A 51 -5.39 3.02 3.92
CA ARG A 51 -4.24 3.04 4.81
C ARG A 51 -4.50 2.21 6.06
N PRO A 52 -3.44 1.57 6.58
CA PRO A 52 -3.53 0.73 7.78
C PRO A 52 -3.78 1.56 9.05
N SER A 53 -5.05 1.81 9.34
CA SER A 53 -5.42 2.59 10.52
C SER A 53 -5.41 1.71 11.77
N GLY A 54 -4.81 2.23 12.84
CA GLY A 54 -4.75 1.49 14.09
C GLY A 54 -3.33 1.36 14.61
N PRO A 55 -3.15 0.55 15.66
CA PRO A 55 -1.83 0.32 16.28
C PRO A 55 -0.90 -0.48 15.38
N SER A 56 0.36 -0.07 15.33
CA SER A 56 1.35 -0.75 14.50
C SER A 56 2.55 -1.19 15.34
N SER A 57 3.19 -0.22 15.99
CA SER A 57 4.35 -0.50 16.83
C SER A 57 3.94 -1.14 18.15
N GLY A 58 4.86 -1.84 18.78
CA GLY A 58 4.56 -2.49 20.05
C GLY A 58 4.56 -1.52 21.22
N GLY A 1 -17.87 10.85 7.25
CA GLY A 1 -17.48 10.30 5.97
C GLY A 1 -16.03 9.89 5.92
N SER A 2 -15.77 8.70 5.39
CA SER A 2 -14.40 8.18 5.31
C SER A 2 -13.51 9.15 4.53
N SER A 3 -12.50 9.68 5.20
CA SER A 3 -11.57 10.61 4.58
C SER A 3 -11.08 10.09 3.24
N GLY A 4 -10.59 8.84 3.23
CA GLY A 4 -10.10 8.25 2.01
C GLY A 4 -8.68 7.73 2.15
N SER A 5 -7.72 8.49 1.64
CA SER A 5 -6.32 8.10 1.71
C SER A 5 -5.42 9.22 1.18
N SER A 6 -4.14 9.15 1.53
CA SER A 6 -3.18 10.16 1.10
C SER A 6 -2.18 9.56 0.10
N GLY A 7 -2.67 8.69 -0.77
CA GLY A 7 -1.81 8.06 -1.76
C GLY A 7 -0.74 7.19 -1.13
N TYR A 8 -0.40 6.09 -1.79
CA TYR A 8 0.61 5.17 -1.29
C TYR A 8 1.95 5.90 -1.10
N GLY A 9 2.28 6.77 -2.04
CA GLY A 9 3.52 7.53 -1.95
C GLY A 9 3.80 8.02 -0.55
N ALA A 10 2.75 8.27 0.20
CA ALA A 10 2.89 8.76 1.58
C ALA A 10 3.04 7.60 2.55
N TRP A 11 3.57 6.48 2.06
CA TRP A 11 3.77 5.30 2.89
C TRP A 11 5.25 5.06 3.16
N ALA A 12 5.56 3.95 3.83
CA ALA A 12 6.94 3.61 4.14
C ALA A 12 7.24 2.16 3.79
N ALA A 13 8.50 1.88 3.49
CA ALA A 13 8.92 0.53 3.13
C ALA A 13 8.15 -0.51 3.93
N GLN A 14 8.18 -0.37 5.26
CA GLN A 14 7.48 -1.31 6.14
C GLN A 14 6.02 -1.44 5.74
N GLU A 15 5.27 -0.34 5.88
CA GLU A 15 3.85 -0.34 5.54
C GLU A 15 3.61 -1.02 4.19
N LEU A 16 4.21 -0.47 3.14
CA LEU A 16 4.05 -1.03 1.80
C LEU A 16 4.32 -2.53 1.80
N GLN A 17 5.51 -2.92 2.27
CA GLN A 17 5.87 -4.32 2.34
C GLN A 17 4.79 -5.15 3.01
N ALA A 18 4.55 -4.86 4.30
CA ALA A 18 3.53 -5.58 5.06
C ALA A 18 2.34 -5.94 4.18
N LYS A 19 1.77 -4.93 3.52
CA LYS A 19 0.62 -5.13 2.65
C LYS A 19 0.96 -6.12 1.53
N LEU A 20 2.13 -5.95 0.94
CA LEU A 20 2.57 -6.83 -0.15
C LEU A 20 2.77 -8.25 0.35
N ALA A 21 2.96 -8.40 1.66
CA ALA A 21 3.16 -9.72 2.26
C ALA A 21 1.82 -10.35 2.65
N GLU A 22 0.94 -9.54 3.23
CA GLU A 22 -0.37 -10.03 3.65
C GLU A 22 -1.17 -10.53 2.46
N ILE A 23 -1.09 -9.80 1.35
CA ILE A 23 -1.80 -10.17 0.14
C ILE A 23 -1.17 -11.39 -0.53
N GLY A 24 -0.05 -11.85 0.03
CA GLY A 24 0.63 -13.01 -0.52
C GLY A 24 1.59 -12.64 -1.63
N ALA A 25 2.20 -11.46 -1.51
CA ALA A 25 3.15 -10.99 -2.52
C ALA A 25 4.53 -10.82 -1.92
N PRO A 26 5.57 -10.95 -2.77
CA PRO A 26 6.96 -10.82 -2.35
C PRO A 26 7.32 -9.37 -1.99
N ILE A 27 7.97 -9.20 -0.85
CA ILE A 27 8.37 -7.87 -0.39
C ILE A 27 9.69 -7.46 -1.03
N GLN A 28 9.80 -7.64 -2.34
CA GLN A 28 11.01 -7.28 -3.08
C GLN A 28 10.81 -5.98 -3.84
N GLY A 29 11.92 -5.31 -4.15
CA GLY A 29 11.85 -4.06 -4.88
C GLY A 29 12.05 -2.85 -3.98
N ASN A 30 12.39 -1.73 -4.58
CA ASN A 30 12.60 -0.49 -3.84
C ASN A 30 11.29 0.21 -3.54
N ARG A 31 11.35 1.23 -2.68
CA ARG A 31 10.16 1.98 -2.32
C ARG A 31 9.24 2.18 -3.51
N GLU A 32 9.83 2.63 -4.63
CA GLU A 32 9.06 2.86 -5.84
C GLU A 32 8.38 1.59 -6.32
N GLU A 33 9.16 0.51 -6.45
CA GLU A 33 8.63 -0.77 -6.88
C GLU A 33 7.44 -1.18 -6.04
N LEU A 34 7.58 -1.07 -4.72
CA LEU A 34 6.51 -1.43 -3.80
C LEU A 34 5.23 -0.68 -4.14
N VAL A 35 5.31 0.64 -4.14
CA VAL A 35 4.16 1.48 -4.45
C VAL A 35 3.48 1.04 -5.74
N GLU A 36 4.25 1.00 -6.82
CA GLU A 36 3.72 0.59 -8.13
C GLU A 36 2.97 -0.73 -8.01
N ARG A 37 3.57 -1.69 -7.31
CA ARG A 37 2.95 -2.99 -7.13
C ARG A 37 1.53 -2.86 -6.57
N LEU A 38 1.40 -2.09 -5.50
CA LEU A 38 0.10 -1.89 -4.87
C LEU A 38 -0.87 -1.22 -5.84
N GLN A 39 -0.38 -0.25 -6.60
CA GLN A 39 -1.21 0.47 -7.56
C GLN A 39 -1.74 -0.49 -8.63
N SER A 40 -0.90 -1.43 -9.04
CA SER A 40 -1.29 -2.41 -10.06
C SER A 40 -2.44 -3.28 -9.56
N TYR A 41 -2.24 -3.89 -8.40
CA TYR A 41 -3.26 -4.76 -7.82
C TYR A 41 -4.59 -4.04 -7.70
N THR A 42 -4.60 -2.94 -6.96
CA THR A 42 -5.81 -2.15 -6.77
C THR A 42 -6.47 -1.81 -8.11
N ARG A 43 -5.64 -1.51 -9.11
CA ARG A 43 -6.15 -1.17 -10.43
C ARG A 43 -6.80 -2.37 -11.08
N GLN A 44 -6.15 -3.53 -10.99
CA GLN A 44 -6.68 -4.76 -11.57
C GLN A 44 -7.93 -5.21 -10.84
N THR A 45 -7.77 -5.61 -9.58
CA THR A 45 -8.89 -6.06 -8.76
C THR A 45 -9.94 -4.97 -8.61
N GLY A 46 -9.49 -3.78 -8.21
CA GLY A 46 -10.42 -2.67 -8.04
C GLY A 46 -10.72 -2.40 -6.58
N ILE A 47 -9.85 -2.87 -5.70
CA ILE A 47 -10.03 -2.68 -4.26
C ILE A 47 -8.88 -1.87 -3.67
N VAL A 48 -9.23 -0.77 -2.99
CA VAL A 48 -8.23 0.09 -2.36
C VAL A 48 -7.88 -0.39 -0.96
N LEU A 49 -6.59 -0.54 -0.70
CA LEU A 49 -6.12 -0.99 0.61
C LEU A 49 -5.90 0.20 1.54
N ASN A 50 -6.75 0.31 2.56
CA ASN A 50 -6.65 1.39 3.53
C ASN A 50 -5.32 1.32 4.28
N ARG A 51 -4.75 2.49 4.59
CA ARG A 51 -3.49 2.56 5.30
C ARG A 51 -3.51 1.66 6.53
N PRO A 52 -2.35 1.04 6.83
CA PRO A 52 -2.21 0.14 7.98
C PRO A 52 -2.28 0.89 9.31
N SER A 53 -1.60 2.02 9.38
CA SER A 53 -1.58 2.83 10.59
C SER A 53 -2.74 3.83 10.61
N GLY A 54 -3.45 3.89 11.73
CA GLY A 54 -4.58 4.79 11.85
C GLY A 54 -4.80 5.25 13.27
N PRO A 55 -5.28 6.50 13.43
CA PRO A 55 -5.54 7.08 14.74
C PRO A 55 -6.73 6.43 15.44
N SER A 56 -6.65 6.30 16.76
CA SER A 56 -7.72 5.69 17.54
C SER A 56 -8.79 6.72 17.91
N SER A 57 -8.34 7.88 18.39
CA SER A 57 -9.25 8.95 18.78
C SER A 57 -10.50 8.38 19.45
N GLY A 58 -10.30 7.40 20.32
CA GLY A 58 -11.42 6.78 21.01
C GLY A 58 -11.46 5.27 20.83
N GLY A 1 -8.28 18.61 1.99
CA GLY A 1 -6.85 18.36 2.03
C GLY A 1 -6.05 19.38 1.26
N SER A 2 -4.77 19.51 1.59
CA SER A 2 -3.89 20.46 0.92
C SER A 2 -3.37 19.89 -0.39
N SER A 3 -2.73 18.74 -0.31
CA SER A 3 -2.17 18.08 -1.49
C SER A 3 -3.27 17.68 -2.46
N GLY A 4 -3.19 18.19 -3.69
CA GLY A 4 -4.19 17.87 -4.68
C GLY A 4 -3.79 16.68 -5.54
N SER A 5 -3.30 15.63 -4.90
CA SER A 5 -2.88 14.43 -5.62
C SER A 5 -3.06 13.19 -4.75
N SER A 6 -2.85 12.02 -5.34
CA SER A 6 -3.01 10.76 -4.63
C SER A 6 -1.90 9.79 -5.02
N GLY A 7 -1.69 8.76 -4.20
CA GLY A 7 -0.67 7.77 -4.46
C GLY A 7 -0.08 7.20 -3.20
N TYR A 8 0.34 5.93 -3.27
CA TYR A 8 0.93 5.26 -2.11
C TYR A 8 2.38 5.66 -1.94
N GLY A 9 2.61 6.97 -1.76
CA GLY A 9 3.96 7.46 -1.57
C GLY A 9 4.27 7.77 -0.12
N ALA A 10 3.31 8.38 0.57
CA ALA A 10 3.49 8.73 1.98
C ALA A 10 3.67 7.48 2.84
N TRP A 11 3.34 6.33 2.28
CA TRP A 11 3.47 5.06 2.99
C TRP A 11 4.94 4.75 3.27
N ALA A 12 5.19 4.13 4.42
CA ALA A 12 6.55 3.78 4.81
C ALA A 12 6.89 2.36 4.37
N ALA A 13 8.16 2.14 4.03
CA ALA A 13 8.61 0.83 3.59
C ALA A 13 7.88 -0.29 4.32
N GLN A 14 7.98 -0.28 5.65
CA GLN A 14 7.32 -1.28 6.47
C GLN A 14 5.86 -1.44 6.08
N GLU A 15 5.15 -0.32 6.02
CA GLU A 15 3.73 -0.34 5.67
C GLU A 15 3.51 -1.05 4.34
N LEU A 16 4.18 -0.58 3.30
CA LEU A 16 4.06 -1.17 1.98
C LEU A 16 4.32 -2.67 2.03
N GLN A 17 5.48 -3.05 2.55
CA GLN A 17 5.85 -4.46 2.66
C GLN A 17 4.77 -5.25 3.40
N ALA A 18 4.51 -4.88 4.64
CA ALA A 18 3.50 -5.56 5.44
C ALA A 18 2.31 -5.95 4.59
N LYS A 19 1.62 -4.96 4.02
CA LYS A 19 0.46 -5.22 3.18
C LYS A 19 0.78 -6.26 2.12
N LEU A 20 1.65 -5.90 1.18
CA LEU A 20 2.04 -6.81 0.10
C LEU A 20 2.19 -8.23 0.63
N ALA A 21 3.18 -8.43 1.49
CA ALA A 21 3.43 -9.75 2.06
C ALA A 21 2.15 -10.37 2.62
N GLU A 22 1.25 -9.50 3.10
CA GLU A 22 -0.02 -9.96 3.66
C GLU A 22 -0.89 -10.59 2.59
N ILE A 23 -0.98 -9.93 1.45
CA ILE A 23 -1.79 -10.42 0.34
C ILE A 23 -1.05 -11.52 -0.44
N GLY A 24 0.11 -11.91 0.07
CA GLY A 24 0.89 -12.95 -0.58
C GLY A 24 1.79 -12.39 -1.66
N ALA A 25 2.02 -11.09 -1.62
CA ALA A 25 2.87 -10.44 -2.61
C ALA A 25 4.32 -10.39 -2.13
N PRO A 26 5.26 -10.49 -3.08
CA PRO A 26 6.70 -10.45 -2.78
C PRO A 26 7.16 -9.07 -2.33
N ILE A 27 7.83 -9.03 -1.18
CA ILE A 27 8.33 -7.77 -0.64
C ILE A 27 9.71 -7.44 -1.20
N GLN A 28 9.88 -7.65 -2.51
CA GLN A 28 11.14 -7.37 -3.16
C GLN A 28 11.07 -6.07 -3.95
N GLY A 29 12.22 -5.42 -4.14
CA GLY A 29 12.26 -4.17 -4.87
C GLY A 29 12.47 -2.97 -3.96
N ASN A 30 12.49 -1.79 -4.55
CA ASN A 30 12.69 -0.56 -3.78
C ASN A 30 11.35 0.14 -3.53
N ARG A 31 11.39 1.18 -2.70
CA ARG A 31 10.18 1.94 -2.38
C ARG A 31 9.30 2.11 -3.61
N GLU A 32 9.88 2.66 -4.67
CA GLU A 32 9.14 2.88 -5.91
C GLU A 32 8.43 1.60 -6.36
N GLU A 33 9.21 0.53 -6.52
CA GLU A 33 8.66 -0.75 -6.94
C GLU A 33 7.43 -1.13 -6.12
N LEU A 34 7.61 -1.17 -4.80
CA LEU A 34 6.51 -1.52 -3.89
C LEU A 34 5.24 -0.76 -4.27
N VAL A 35 5.35 0.57 -4.35
CA VAL A 35 4.21 1.41 -4.70
C VAL A 35 3.59 0.97 -6.03
N GLU A 36 4.44 0.77 -7.04
CA GLU A 36 3.98 0.35 -8.35
C GLU A 36 3.12 -0.91 -8.25
N ARG A 37 3.63 -1.92 -7.54
CA ARG A 37 2.90 -3.17 -7.37
C ARG A 37 1.51 -2.92 -6.79
N LEU A 38 1.46 -2.24 -5.65
CA LEU A 38 0.20 -1.94 -5.00
C LEU A 38 -0.75 -1.22 -5.95
N GLN A 39 -0.22 -0.25 -6.70
CA GLN A 39 -1.02 0.51 -7.65
C GLN A 39 -1.67 -0.41 -8.67
N SER A 40 -0.90 -1.37 -9.19
CA SER A 40 -1.42 -2.32 -10.17
C SER A 40 -2.56 -3.14 -9.59
N TYR A 41 -2.37 -3.63 -8.37
CA TYR A 41 -3.38 -4.44 -7.70
C TYR A 41 -4.71 -3.70 -7.63
N THR A 42 -4.68 -2.47 -7.13
CA THR A 42 -5.88 -1.66 -7.02
C THR A 42 -6.55 -1.47 -8.37
N ARG A 43 -5.73 -1.29 -9.41
CA ARG A 43 -6.24 -1.09 -10.76
C ARG A 43 -6.93 -2.36 -11.27
N GLN A 44 -6.30 -3.50 -11.02
CA GLN A 44 -6.86 -4.78 -11.46
C GLN A 44 -8.11 -5.12 -10.68
N THR A 45 -7.95 -5.51 -9.42
CA THR A 45 -9.07 -5.87 -8.57
C THR A 45 -10.05 -4.70 -8.43
N GLY A 46 -9.53 -3.49 -8.58
CA GLY A 46 -10.38 -2.31 -8.46
C GLY A 46 -10.55 -1.86 -7.03
N ILE A 47 -10.26 -2.75 -6.09
CA ILE A 47 -10.39 -2.43 -4.67
C ILE A 47 -9.29 -1.47 -4.23
N VAL A 48 -9.70 -0.31 -3.72
CA VAL A 48 -8.74 0.70 -3.26
C VAL A 48 -8.23 0.36 -1.86
N LEU A 49 -6.92 0.17 -1.76
CA LEU A 49 -6.30 -0.16 -0.48
C LEU A 49 -6.17 1.09 0.40
N ASN A 50 -7.11 1.26 1.31
CA ASN A 50 -7.09 2.41 2.22
C ASN A 50 -6.05 2.23 3.31
N ARG A 51 -5.35 3.32 3.64
CA ARG A 51 -4.32 3.27 4.66
C ARG A 51 -4.74 2.37 5.82
N PRO A 52 -3.76 1.66 6.39
CA PRO A 52 -4.00 0.74 7.52
C PRO A 52 -4.36 1.48 8.80
N SER A 53 -5.47 1.07 9.42
CA SER A 53 -5.92 1.70 10.66
C SER A 53 -5.68 0.79 11.84
N GLY A 54 -5.31 1.38 12.98
CA GLY A 54 -5.06 0.60 14.18
C GLY A 54 -3.77 1.01 14.87
N PRO A 55 -3.75 0.93 16.21
CA PRO A 55 -2.58 1.28 17.01
C PRO A 55 -1.44 0.29 16.84
N SER A 56 -0.31 0.77 16.34
CA SER A 56 0.86 -0.07 16.13
C SER A 56 2.05 0.44 16.93
N SER A 57 2.43 -0.31 17.96
CA SER A 57 3.56 0.07 18.80
C SER A 57 4.82 -0.68 18.39
N GLY A 58 5.96 -0.25 18.94
CA GLY A 58 7.22 -0.90 18.62
C GLY A 58 8.41 0.01 18.88
N GLY A 1 -15.14 9.46 5.65
CA GLY A 1 -15.41 9.73 4.26
C GLY A 1 -14.16 9.62 3.39
N SER A 2 -14.34 9.75 2.08
CA SER A 2 -13.22 9.66 1.15
C SER A 2 -12.97 11.01 0.47
N SER A 3 -11.97 11.74 0.97
CA SER A 3 -11.64 13.05 0.42
C SER A 3 -10.20 13.05 -0.10
N GLY A 4 -10.05 13.46 -1.36
CA GLY A 4 -8.72 13.51 -1.96
C GLY A 4 -8.41 12.28 -2.79
N SER A 5 -7.13 11.97 -2.94
CA SER A 5 -6.71 10.82 -3.73
C SER A 5 -5.72 9.96 -2.94
N SER A 6 -6.06 8.69 -2.76
CA SER A 6 -5.21 7.76 -2.03
C SER A 6 -3.76 7.92 -2.45
N GLY A 7 -2.89 8.22 -1.49
CA GLY A 7 -1.48 8.38 -1.77
C GLY A 7 -0.62 7.32 -1.12
N TYR A 8 -0.18 6.35 -1.91
CA TYR A 8 0.64 5.27 -1.39
C TYR A 8 2.04 5.77 -1.03
N GLY A 9 2.63 6.54 -1.93
CA GLY A 9 3.96 7.09 -1.69
C GLY A 9 4.16 7.52 -0.25
N ALA A 10 3.09 8.02 0.36
CA ALA A 10 3.16 8.46 1.75
C ALA A 10 3.51 7.31 2.68
N TRP A 11 2.81 6.20 2.53
CA TRP A 11 3.04 5.02 3.36
C TRP A 11 4.52 4.82 3.60
N ALA A 12 4.86 4.07 4.66
CA ALA A 12 6.24 3.80 4.99
C ALA A 12 6.68 2.42 4.47
N ALA A 13 7.94 2.31 4.10
CA ALA A 13 8.49 1.06 3.59
C ALA A 13 7.87 -0.14 4.31
N GLN A 14 8.06 -0.19 5.63
CA GLN A 14 7.52 -1.28 6.44
C GLN A 14 6.05 -1.51 6.12
N GLU A 15 5.26 -0.44 6.18
CA GLU A 15 3.83 -0.53 5.90
C GLU A 15 3.58 -1.17 4.54
N LEU A 16 3.94 -0.46 3.48
CA LEU A 16 3.75 -0.96 2.12
C LEU A 16 4.10 -2.44 2.04
N GLN A 17 5.32 -2.78 2.46
CA GLN A 17 5.77 -4.17 2.43
C GLN A 17 4.79 -5.08 3.16
N ALA A 18 4.51 -4.77 4.42
CA ALA A 18 3.59 -5.56 5.22
C ALA A 18 2.38 -6.00 4.39
N LYS A 19 1.63 -5.02 3.90
CA LYS A 19 0.45 -5.30 3.09
C LYS A 19 0.77 -6.32 1.99
N LEU A 20 1.74 -5.98 1.14
CA LEU A 20 2.13 -6.86 0.06
C LEU A 20 2.22 -8.31 0.53
N ALA A 21 3.11 -8.56 1.49
CA ALA A 21 3.28 -9.91 2.04
C ALA A 21 1.98 -10.44 2.61
N GLU A 22 1.14 -9.53 3.10
CA GLU A 22 -0.15 -9.91 3.69
C GLU A 22 -1.03 -10.61 2.65
N ILE A 23 -1.08 -10.04 1.46
CA ILE A 23 -1.89 -10.60 0.38
C ILE A 23 -1.16 -11.75 -0.32
N GLY A 24 0.04 -12.06 0.17
CA GLY A 24 0.82 -13.13 -0.41
C GLY A 24 1.70 -12.66 -1.55
N ALA A 25 2.17 -11.42 -1.46
CA ALA A 25 3.02 -10.84 -2.50
C ALA A 25 4.45 -10.66 -1.98
N PRO A 26 5.42 -10.84 -2.89
CA PRO A 26 6.84 -10.70 -2.56
C PRO A 26 7.23 -9.25 -2.28
N ILE A 27 7.78 -9.02 -1.08
CA ILE A 27 8.20 -7.68 -0.69
C ILE A 27 9.61 -7.38 -1.18
N GLN A 28 9.87 -7.69 -2.44
CA GLN A 28 11.18 -7.45 -3.04
C GLN A 28 11.16 -6.22 -3.93
N GLY A 29 12.18 -5.38 -3.81
CA GLY A 29 12.26 -4.18 -4.62
C GLY A 29 12.32 -2.92 -3.78
N ASN A 30 12.72 -1.81 -4.40
CA ASN A 30 12.82 -0.54 -3.69
C ASN A 30 11.45 0.12 -3.56
N ARG A 31 11.37 1.13 -2.70
CA ARG A 31 10.12 1.83 -2.47
C ARG A 31 9.34 2.00 -3.77
N GLU A 32 9.95 2.70 -4.73
CA GLU A 32 9.31 2.93 -6.02
C GLU A 32 8.57 1.68 -6.50
N GLU A 33 9.31 0.58 -6.63
CA GLU A 33 8.73 -0.68 -7.08
C GLU A 33 7.50 -1.03 -6.24
N LEU A 34 7.64 -0.96 -4.93
CA LEU A 34 6.55 -1.28 -4.02
C LEU A 34 5.29 -0.50 -4.39
N VAL A 35 5.40 0.82 -4.38
CA VAL A 35 4.27 1.69 -4.72
C VAL A 35 3.58 1.23 -5.99
N GLU A 36 4.39 0.94 -7.02
CA GLU A 36 3.86 0.49 -8.29
C GLU A 36 3.02 -0.77 -8.13
N ARG A 37 3.59 -1.78 -7.48
CA ARG A 37 2.90 -3.05 -7.26
C ARG A 37 1.50 -2.80 -6.72
N LEU A 38 1.41 -2.14 -5.58
CA LEU A 38 0.13 -1.84 -4.96
C LEU A 38 -0.81 -1.15 -5.94
N GLN A 39 -0.26 -0.20 -6.71
CA GLN A 39 -1.04 0.54 -7.69
C GLN A 39 -1.66 -0.41 -8.71
N SER A 40 -0.85 -1.34 -9.21
CA SER A 40 -1.32 -2.31 -10.19
C SER A 40 -2.44 -3.17 -9.62
N TYR A 41 -2.23 -3.69 -8.42
CA TYR A 41 -3.22 -4.53 -7.76
C TYR A 41 -4.56 -3.81 -7.64
N THR A 42 -4.54 -2.65 -6.96
CA THR A 42 -5.74 -1.87 -6.77
C THR A 42 -6.43 -1.58 -8.10
N ARG A 43 -5.64 -1.34 -9.15
CA ARG A 43 -6.17 -1.06 -10.47
C ARG A 43 -6.80 -2.31 -11.07
N GLN A 44 -6.14 -3.44 -10.91
CA GLN A 44 -6.64 -4.71 -11.44
C GLN A 44 -7.88 -5.17 -10.68
N THR A 45 -7.70 -5.50 -9.40
CA THR A 45 -8.81 -5.95 -8.57
C THR A 45 -9.88 -4.87 -8.45
N GLY A 46 -9.48 -3.68 -8.06
CA GLY A 46 -10.42 -2.59 -7.91
C GLY A 46 -10.79 -2.33 -6.45
N ILE A 47 -9.89 -2.68 -5.55
CA ILE A 47 -10.12 -2.48 -4.12
C ILE A 47 -9.01 -1.64 -3.49
N VAL A 48 -9.28 -0.35 -3.33
CA VAL A 48 -8.31 0.57 -2.72
C VAL A 48 -7.96 0.14 -1.31
N LEU A 49 -6.66 0.07 -1.03
CA LEU A 49 -6.18 -0.33 0.29
C LEU A 49 -6.06 0.88 1.21
N ASN A 50 -6.85 0.89 2.28
CA ASN A 50 -6.84 1.98 3.24
C ASN A 50 -5.82 1.73 4.34
N ARG A 51 -5.02 2.74 4.65
CA ARG A 51 -4.00 2.63 5.69
C ARG A 51 -4.50 1.76 6.85
N PRO A 52 -3.58 0.98 7.43
CA PRO A 52 -3.90 0.09 8.55
C PRO A 52 -4.21 0.87 9.83
N SER A 53 -5.23 0.42 10.56
CA SER A 53 -5.63 1.08 11.80
C SER A 53 -5.01 0.37 13.00
N GLY A 54 -4.94 1.08 14.13
CA GLY A 54 -4.37 0.50 15.33
C GLY A 54 -5.44 0.08 16.33
N PRO A 55 -5.75 0.97 17.27
CA PRO A 55 -6.76 0.71 18.31
C PRO A 55 -8.17 0.66 17.73
N SER A 56 -9.15 0.52 18.61
CA SER A 56 -10.55 0.45 18.20
C SER A 56 -11.43 1.35 19.08
N SER A 57 -11.74 2.53 18.59
CA SER A 57 -12.57 3.48 19.32
C SER A 57 -13.86 3.79 18.57
N GLY A 58 -14.97 3.84 19.30
CA GLY A 58 -16.25 4.11 18.69
C GLY A 58 -17.05 2.85 18.43
N GLY A 1 -11.70 21.36 -6.09
CA GLY A 1 -10.85 20.21 -5.84
C GLY A 1 -9.75 20.52 -4.84
N SER A 2 -8.99 19.49 -4.47
CA SER A 2 -7.90 19.66 -3.52
C SER A 2 -6.55 19.41 -4.19
N SER A 3 -5.66 20.39 -4.08
CA SER A 3 -4.33 20.28 -4.69
C SER A 3 -3.57 19.08 -4.12
N GLY A 4 -2.74 18.46 -4.95
CA GLY A 4 -1.97 17.31 -4.51
C GLY A 4 -2.14 16.11 -5.44
N SER A 5 -1.73 14.95 -4.96
CA SER A 5 -1.83 13.73 -5.77
C SER A 5 -1.98 12.51 -4.86
N SER A 6 -2.84 11.58 -5.27
CA SER A 6 -3.08 10.37 -4.50
C SER A 6 -2.07 9.28 -4.88
N GLY A 7 -1.79 8.38 -3.94
CA GLY A 7 -0.85 7.31 -4.19
C GLY A 7 -0.36 6.66 -2.92
N TYR A 8 0.64 5.78 -3.05
CA TYR A 8 1.20 5.09 -1.90
C TYR A 8 2.64 5.53 -1.65
N GLY A 9 2.90 6.81 -1.86
CA GLY A 9 4.24 7.34 -1.65
C GLY A 9 4.54 7.61 -0.19
N ALA A 10 3.69 8.41 0.44
CA ALA A 10 3.86 8.75 1.85
C ALA A 10 4.08 7.50 2.70
N TRP A 11 3.38 6.42 2.34
CA TRP A 11 3.50 5.16 3.07
C TRP A 11 4.96 4.83 3.36
N ALA A 12 5.20 4.08 4.43
CA ALA A 12 6.55 3.70 4.81
C ALA A 12 6.86 2.27 4.37
N ALA A 13 8.12 2.02 4.05
CA ALA A 13 8.54 0.69 3.61
C ALA A 13 7.84 -0.40 4.41
N GLN A 14 7.84 -0.26 5.74
CA GLN A 14 7.20 -1.23 6.60
C GLN A 14 5.73 -1.39 6.26
N GLU A 15 5.04 -0.27 6.06
CA GLU A 15 3.63 -0.29 5.72
C GLU A 15 3.39 -1.06 4.43
N LEU A 16 4.04 -0.63 3.36
CA LEU A 16 3.90 -1.28 2.06
C LEU A 16 4.20 -2.77 2.16
N GLN A 17 5.37 -3.10 2.69
CA GLN A 17 5.77 -4.49 2.84
C GLN A 17 4.66 -5.31 3.50
N ALA A 18 4.30 -4.94 4.71
CA ALA A 18 3.26 -5.63 5.46
C ALA A 18 2.08 -5.98 4.54
N LYS A 19 1.50 -4.97 3.92
CA LYS A 19 0.37 -5.16 3.02
C LYS A 19 0.69 -6.22 1.98
N LEU A 20 1.71 -5.96 1.16
CA LEU A 20 2.11 -6.90 0.11
C LEU A 20 2.23 -8.32 0.68
N ALA A 21 3.21 -8.52 1.54
CA ALA A 21 3.43 -9.83 2.14
C ALA A 21 2.13 -10.41 2.69
N GLU A 22 1.30 -9.54 3.26
CA GLU A 22 0.01 -9.97 3.82
C GLU A 22 -0.89 -10.52 2.73
N ILE A 23 -0.93 -9.84 1.59
CA ILE A 23 -1.76 -10.27 0.47
C ILE A 23 -1.08 -11.37 -0.33
N GLY A 24 0.11 -11.75 0.10
CA GLY A 24 0.84 -12.80 -0.59
C GLY A 24 1.70 -12.27 -1.73
N ALA A 25 2.16 -11.03 -1.59
CA ALA A 25 2.99 -10.41 -2.63
C ALA A 25 4.45 -10.34 -2.19
N PRO A 26 5.36 -10.50 -3.16
CA PRO A 26 6.80 -10.47 -2.91
C PRO A 26 7.29 -9.08 -2.54
N ILE A 27 7.83 -8.95 -1.33
CA ILE A 27 8.34 -7.67 -0.86
C ILE A 27 9.72 -7.36 -1.46
N GLN A 28 9.83 -7.53 -2.77
CA GLN A 28 11.09 -7.28 -3.47
C GLN A 28 11.06 -5.93 -4.18
N GLY A 29 12.23 -5.40 -4.48
CA GLY A 29 12.31 -4.12 -5.16
C GLY A 29 12.44 -2.95 -4.19
N ASN A 30 12.64 -1.76 -4.73
CA ASN A 30 12.80 -0.56 -3.91
C ASN A 30 11.45 0.12 -3.68
N ARG A 31 11.43 1.10 -2.80
CA ARG A 31 10.20 1.84 -2.50
C ARG A 31 9.36 2.03 -3.75
N GLU A 32 9.97 2.61 -4.79
CA GLU A 32 9.28 2.85 -6.05
C GLU A 32 8.58 1.58 -6.54
N GLU A 33 9.33 0.49 -6.60
CA GLU A 33 8.79 -0.79 -7.05
C GLU A 33 7.55 -1.17 -6.24
N LEU A 34 7.71 -1.22 -4.93
CA LEU A 34 6.61 -1.58 -4.03
C LEU A 34 5.36 -0.77 -4.36
N VAL A 35 5.49 0.55 -4.33
CA VAL A 35 4.37 1.44 -4.63
C VAL A 35 3.64 1.00 -5.89
N GLU A 36 4.40 0.84 -6.97
CA GLU A 36 3.83 0.42 -8.25
C GLU A 36 3.02 -0.86 -8.09
N ARG A 37 3.63 -1.87 -7.48
CA ARG A 37 2.96 -3.15 -7.27
C ARG A 37 1.55 -2.94 -6.71
N LEU A 38 1.46 -2.26 -5.57
CA LEU A 38 0.18 -2.00 -4.93
C LEU A 38 -0.78 -1.31 -5.90
N GLN A 39 -0.26 -0.29 -6.59
CA GLN A 39 -1.08 0.45 -7.56
C GLN A 39 -1.64 -0.48 -8.63
N SER A 40 -0.82 -1.42 -9.07
CA SER A 40 -1.24 -2.37 -10.09
C SER A 40 -2.39 -3.24 -9.60
N TYR A 41 -2.30 -3.68 -8.36
CA TYR A 41 -3.34 -4.52 -7.77
C TYR A 41 -4.61 -3.71 -7.51
N THR A 42 -4.45 -2.40 -7.37
CA THR A 42 -5.58 -1.52 -7.12
C THR A 42 -6.39 -1.28 -8.39
N ARG A 43 -5.70 -1.20 -9.53
CA ARG A 43 -6.35 -0.97 -10.81
C ARG A 43 -6.98 -2.27 -11.32
N GLN A 44 -6.19 -3.32 -11.39
CA GLN A 44 -6.67 -4.62 -11.86
C GLN A 44 -8.08 -4.89 -11.36
N THR A 45 -8.36 -4.50 -10.11
CA THR A 45 -9.67 -4.70 -9.52
C THR A 45 -10.39 -3.37 -9.32
N GLY A 46 -9.71 -2.41 -8.71
CA GLY A 46 -10.30 -1.11 -8.47
C GLY A 46 -10.66 -0.89 -7.01
N ILE A 47 -10.06 -1.69 -6.14
CA ILE A 47 -10.32 -1.57 -4.70
C ILE A 47 -9.20 -0.81 -4.01
N VAL A 48 -9.49 0.44 -3.62
CA VAL A 48 -8.52 1.28 -2.94
C VAL A 48 -8.17 0.71 -1.56
N LEU A 49 -6.88 0.53 -1.30
CA LEU A 49 -6.42 0.00 -0.03
C LEU A 49 -6.23 1.12 0.99
N ASN A 50 -7.06 1.11 2.04
CA ASN A 50 -6.98 2.13 3.08
C ASN A 50 -5.78 1.90 3.97
N ARG A 51 -5.01 2.97 4.20
CA ARG A 51 -3.82 2.88 5.04
C ARG A 51 -4.04 1.93 6.22
N PRO A 52 -3.00 1.20 6.60
CA PRO A 52 -3.05 0.24 7.71
C PRO A 52 -3.19 0.93 9.07
N SER A 53 -3.61 0.18 10.07
CA SER A 53 -3.77 0.73 11.41
C SER A 53 -2.87 0.00 12.41
N GLY A 54 -1.82 0.70 12.85
CA GLY A 54 -0.88 0.11 13.79
C GLY A 54 -0.64 1.00 15.00
N PRO A 55 0.49 0.79 15.69
CA PRO A 55 0.85 1.57 16.87
C PRO A 55 1.21 3.00 16.53
N SER A 56 1.45 3.81 17.56
CA SER A 56 1.81 5.21 17.38
C SER A 56 3.27 5.35 16.94
N SER A 57 3.53 6.29 16.04
CA SER A 57 4.88 6.53 15.54
C SER A 57 5.53 7.69 16.27
N GLY A 58 4.76 8.76 16.50
CA GLY A 58 5.28 9.92 17.19
C GLY A 58 4.31 11.08 17.17
N GLY A 1 -16.07 10.21 4.18
CA GLY A 1 -16.64 8.88 3.98
C GLY A 1 -15.72 7.99 3.16
N SER A 2 -15.89 8.01 1.84
CA SER A 2 -15.07 7.19 0.95
C SER A 2 -13.59 7.51 1.13
N SER A 3 -12.74 6.52 0.90
CA SER A 3 -11.29 6.69 1.02
C SER A 3 -10.66 6.94 -0.34
N GLY A 4 -9.44 7.49 -0.33
CA GLY A 4 -8.74 7.77 -1.57
C GLY A 4 -7.26 7.47 -1.47
N SER A 5 -6.48 8.51 -1.20
CA SER A 5 -5.02 8.37 -1.08
C SER A 5 -4.49 7.42 -2.15
N SER A 6 -5.01 7.56 -3.37
CA SER A 6 -4.58 6.71 -4.48
C SER A 6 -3.08 6.51 -4.46
N GLY A 7 -2.33 7.60 -4.35
CA GLY A 7 -0.88 7.51 -4.31
C GLY A 7 -0.36 7.01 -2.98
N TYR A 8 0.25 5.82 -3.00
CA TYR A 8 0.79 5.22 -1.79
C TYR A 8 2.18 5.76 -1.49
N GLY A 9 2.36 7.06 -1.69
CA GLY A 9 3.65 7.68 -1.43
C GLY A 9 3.95 7.82 0.05
N ALA A 10 3.09 8.56 0.75
CA ALA A 10 3.26 8.78 2.17
C ALA A 10 3.59 7.47 2.89
N TRP A 11 2.91 6.40 2.50
CA TRP A 11 3.12 5.09 3.11
C TRP A 11 4.62 4.80 3.24
N ALA A 12 5.00 4.21 4.38
CA ALA A 12 6.39 3.88 4.63
C ALA A 12 6.72 2.47 4.12
N ALA A 13 7.97 2.28 3.71
CA ALA A 13 8.41 1.00 3.19
C ALA A 13 7.77 -0.16 3.96
N GLN A 14 7.89 -0.13 5.29
CA GLN A 14 7.32 -1.16 6.13
C GLN A 14 5.85 -1.38 5.81
N GLU A 15 5.06 -0.31 5.94
CA GLU A 15 3.63 -0.39 5.66
C GLU A 15 3.37 -1.13 4.34
N LEU A 16 3.92 -0.59 3.26
CA LEU A 16 3.74 -1.19 1.94
C LEU A 16 4.09 -2.68 1.97
N GLN A 17 5.35 -2.98 2.27
CA GLN A 17 5.81 -4.37 2.33
C GLN A 17 4.81 -5.23 3.08
N ALA A 18 4.33 -4.73 4.21
CA ALA A 18 3.36 -5.45 5.03
C ALA A 18 2.16 -5.89 4.20
N LYS A 19 1.48 -4.93 3.59
CA LYS A 19 0.31 -5.21 2.77
C LYS A 19 0.68 -6.15 1.62
N LEU A 20 1.92 -6.07 1.17
CA LEU A 20 2.40 -6.92 0.07
C LEU A 20 2.57 -8.36 0.54
N ALA A 21 3.15 -8.53 1.73
CA ALA A 21 3.38 -9.85 2.29
C ALA A 21 2.07 -10.48 2.78
N GLU A 22 1.18 -9.64 3.30
CA GLU A 22 -0.10 -10.11 3.81
C GLU A 22 -0.99 -10.58 2.66
N ILE A 23 -0.95 -9.85 1.55
CA ILE A 23 -1.76 -10.19 0.38
C ILE A 23 -1.17 -11.37 -0.37
N GLY A 24 -0.13 -11.99 0.21
CA GLY A 24 0.50 -13.12 -0.42
C GLY A 24 1.43 -12.72 -1.55
N ALA A 25 2.06 -11.56 -1.40
CA ALA A 25 2.98 -11.06 -2.42
C ALA A 25 4.38 -10.83 -1.84
N PRO A 26 5.40 -10.97 -2.70
CA PRO A 26 6.80 -10.79 -2.30
C PRO A 26 7.12 -9.34 -1.98
N ILE A 27 8.16 -9.13 -1.17
CA ILE A 27 8.58 -7.78 -0.79
C ILE A 27 9.79 -7.33 -1.60
N GLN A 28 9.81 -7.70 -2.88
CA GLN A 28 10.91 -7.33 -3.76
C GLN A 28 10.66 -5.98 -4.41
N GLY A 29 11.72 -5.19 -4.56
CA GLY A 29 11.58 -3.88 -5.17
C GLY A 29 11.82 -2.75 -4.19
N ASN A 30 12.35 -1.63 -4.68
CA ASN A 30 12.61 -0.47 -3.83
C ASN A 30 11.35 0.33 -3.58
N ARG A 31 11.43 1.31 -2.69
CA ARG A 31 10.29 2.15 -2.36
C ARG A 31 9.40 2.37 -3.58
N GLU A 32 10.03 2.76 -4.69
CA GLU A 32 9.30 3.01 -5.92
C GLU A 32 8.56 1.75 -6.39
N GLU A 33 9.30 0.66 -6.50
CA GLU A 33 8.72 -0.62 -6.94
C GLU A 33 7.51 -0.98 -6.09
N LEU A 34 7.72 -1.07 -4.78
CA LEU A 34 6.64 -1.41 -3.86
C LEU A 34 5.38 -0.64 -4.19
N VAL A 35 5.48 0.69 -4.17
CA VAL A 35 4.34 1.54 -4.47
C VAL A 35 3.67 1.14 -5.78
N GLU A 36 4.48 0.95 -6.81
CA GLU A 36 3.97 0.55 -8.12
C GLU A 36 3.15 -0.73 -8.02
N ARG A 37 3.71 -1.74 -7.37
CA ARG A 37 3.03 -3.02 -7.21
C ARG A 37 1.62 -2.82 -6.68
N LEU A 38 1.51 -2.21 -5.50
CA LEU A 38 0.21 -1.96 -4.89
C LEU A 38 -0.73 -1.27 -5.86
N GLN A 39 -0.21 -0.26 -6.56
CA GLN A 39 -1.01 0.49 -7.54
C GLN A 39 -1.64 -0.46 -8.55
N SER A 40 -0.87 -1.44 -9.01
CA SER A 40 -1.35 -2.41 -9.98
C SER A 40 -2.48 -3.25 -9.42
N TYR A 41 -2.21 -3.91 -8.30
CA TYR A 41 -3.21 -4.76 -7.64
C TYR A 41 -4.50 -3.98 -7.41
N THR A 42 -4.37 -2.75 -6.91
CA THR A 42 -5.53 -1.90 -6.65
C THR A 42 -6.35 -1.69 -7.90
N ARG A 43 -5.68 -1.44 -9.03
CA ARG A 43 -6.35 -1.21 -10.29
C ARG A 43 -6.99 -2.51 -10.80
N GLN A 44 -6.17 -3.55 -10.95
CA GLN A 44 -6.64 -4.84 -11.43
C GLN A 44 -7.94 -5.23 -10.73
N THR A 45 -7.88 -5.42 -9.41
CA THR A 45 -9.05 -5.80 -8.64
C THR A 45 -10.00 -4.61 -8.47
N GLY A 46 -9.48 -3.50 -7.97
CA GLY A 46 -10.30 -2.32 -7.77
C GLY A 46 -10.64 -2.10 -6.31
N ILE A 47 -9.79 -2.58 -5.42
CA ILE A 47 -10.03 -2.43 -3.99
C ILE A 47 -9.07 -1.41 -3.38
N VAL A 48 -9.51 -0.15 -3.38
CA VAL A 48 -8.70 0.93 -2.82
C VAL A 48 -8.20 0.59 -1.42
N LEU A 49 -6.97 0.10 -1.34
CA LEU A 49 -6.37 -0.27 -0.06
C LEU A 49 -6.28 0.94 0.87
N ASN A 50 -6.47 0.70 2.16
CA ASN A 50 -6.41 1.77 3.15
C ASN A 50 -5.09 1.72 3.92
N ARG A 51 -4.64 2.88 4.39
CA ARG A 51 -3.39 2.97 5.14
C ARG A 51 -3.55 2.34 6.53
N PRO A 52 -2.48 1.67 7.00
CA PRO A 52 -2.48 1.02 8.31
C PRO A 52 -2.47 2.01 9.46
N SER A 53 -3.66 2.43 9.88
CA SER A 53 -3.81 3.38 10.97
C SER A 53 -5.25 3.49 11.42
N GLY A 54 -5.46 3.66 12.72
CA GLY A 54 -6.80 3.78 13.25
C GLY A 54 -7.00 5.05 14.05
N PRO A 55 -8.22 5.60 14.00
CA PRO A 55 -8.57 6.83 14.72
C PRO A 55 -8.62 6.62 16.23
N SER A 56 -8.36 5.39 16.67
CA SER A 56 -8.37 5.06 18.09
C SER A 56 -7.37 5.91 18.85
N SER A 57 -6.11 5.86 18.42
CA SER A 57 -5.05 6.61 19.07
C SER A 57 -3.96 7.00 18.07
N GLY A 58 -2.99 7.77 18.53
CA GLY A 58 -1.90 8.19 17.65
C GLY A 58 -0.60 8.37 18.41
N GLY A 1 -18.14 8.09 -4.73
CA GLY A 1 -16.90 7.41 -4.38
C GLY A 1 -16.42 7.77 -2.99
N SER A 2 -15.23 7.29 -2.64
CA SER A 2 -14.65 7.56 -1.32
C SER A 2 -13.57 8.63 -1.42
N SER A 3 -13.82 9.76 -0.79
CA SER A 3 -12.87 10.88 -0.80
C SER A 3 -12.15 10.99 0.54
N GLY A 4 -10.97 11.61 0.53
CA GLY A 4 -10.20 11.77 1.75
C GLY A 4 -8.73 11.98 1.47
N SER A 5 -7.91 11.01 1.84
CA SER A 5 -6.47 11.10 1.65
C SER A 5 -5.94 9.87 0.90
N SER A 6 -5.65 10.04 -0.39
CA SER A 6 -5.15 8.95 -1.20
C SER A 6 -3.64 9.05 -1.38
N GLY A 7 -3.05 8.06 -2.02
CA GLY A 7 -1.61 8.06 -2.25
C GLY A 7 -0.91 6.96 -1.47
N TYR A 8 -0.10 6.18 -2.18
CA TYR A 8 0.63 5.08 -1.55
C TYR A 8 2.09 5.47 -1.30
N GLY A 9 2.62 6.33 -2.16
CA GLY A 9 4.00 6.76 -2.02
C GLY A 9 4.33 7.20 -0.61
N ALA A 10 3.38 7.86 0.05
CA ALA A 10 3.57 8.33 1.41
C ALA A 10 3.89 7.17 2.34
N TRP A 11 3.14 6.08 2.21
CA TRP A 11 3.35 4.90 3.04
C TRP A 11 4.84 4.63 3.25
N ALA A 12 5.17 3.97 4.35
CA ALA A 12 6.55 3.64 4.66
C ALA A 12 6.90 2.23 4.18
N ALA A 13 8.19 1.98 4.00
CA ALA A 13 8.67 0.68 3.55
C ALA A 13 7.98 -0.46 4.32
N GLN A 14 7.91 -0.30 5.64
CA GLN A 14 7.28 -1.31 6.48
C GLN A 14 5.82 -1.51 6.10
N GLU A 15 5.06 -0.41 6.08
CA GLU A 15 3.64 -0.47 5.73
C GLU A 15 3.45 -1.17 4.39
N LEU A 16 4.00 -0.58 3.33
CA LEU A 16 3.89 -1.14 1.99
C LEU A 16 4.20 -2.63 2.00
N GLN A 17 5.33 -2.99 2.60
CA GLN A 17 5.74 -4.38 2.67
C GLN A 17 4.69 -5.22 3.39
N ALA A 18 4.14 -4.69 4.47
CA ALA A 18 3.13 -5.39 5.25
C ALA A 18 1.98 -5.86 4.36
N LYS A 19 1.33 -4.91 3.69
CA LYS A 19 0.22 -5.23 2.80
C LYS A 19 0.64 -6.26 1.75
N LEU A 20 1.62 -5.90 0.93
CA LEU A 20 2.11 -6.80 -0.11
C LEU A 20 2.29 -8.22 0.43
N ALA A 21 3.21 -8.37 1.37
CA ALA A 21 3.48 -9.67 1.97
C ALA A 21 2.22 -10.27 2.57
N GLU A 22 1.36 -9.41 3.12
CA GLU A 22 0.12 -9.85 3.73
C GLU A 22 -0.79 -10.51 2.69
N ILE A 23 -0.88 -9.91 1.51
CA ILE A 23 -1.70 -10.45 0.44
C ILE A 23 -1.00 -11.60 -0.28
N GLY A 24 0.19 -11.94 0.21
CA GLY A 24 0.93 -13.03 -0.40
C GLY A 24 1.82 -12.56 -1.54
N ALA A 25 2.30 -11.33 -1.44
CA ALA A 25 3.17 -10.76 -2.46
C ALA A 25 4.60 -10.62 -1.95
N PRO A 26 5.57 -10.82 -2.86
CA PRO A 26 7.00 -10.71 -2.52
C PRO A 26 7.42 -9.28 -2.23
N ILE A 27 7.99 -9.07 -1.06
CA ILE A 27 8.45 -7.74 -0.66
C ILE A 27 9.79 -7.42 -1.28
N GLN A 28 9.93 -7.71 -2.57
CA GLN A 28 11.18 -7.44 -3.28
C GLN A 28 11.08 -6.16 -4.09
N GLY A 29 12.23 -5.58 -4.41
CA GLY A 29 12.25 -4.35 -5.18
C GLY A 29 12.43 -3.12 -4.30
N ASN A 30 12.75 -1.99 -4.92
CA ASN A 30 12.94 -0.74 -4.20
C ASN A 30 11.60 -0.12 -3.81
N ARG A 31 11.66 0.93 -3.00
CA ARG A 31 10.44 1.61 -2.55
C ARG A 31 9.50 1.87 -3.73
N GLU A 32 10.04 2.47 -4.78
CA GLU A 32 9.25 2.78 -5.97
C GLU A 32 8.49 1.54 -6.45
N GLU A 33 9.21 0.43 -6.60
CA GLU A 33 8.60 -0.81 -7.05
C GLU A 33 7.37 -1.16 -6.21
N LEU A 34 7.56 -1.21 -4.89
CA LEU A 34 6.46 -1.53 -3.98
C LEU A 34 5.24 -0.67 -4.27
N VAL A 35 5.44 0.65 -4.28
CA VAL A 35 4.36 1.58 -4.55
C VAL A 35 3.61 1.21 -5.83
N GLU A 36 4.37 0.92 -6.88
CA GLU A 36 3.78 0.55 -8.16
C GLU A 36 2.93 -0.72 -8.02
N ARG A 37 3.52 -1.75 -7.42
CA ARG A 37 2.82 -3.01 -7.23
C ARG A 37 1.42 -2.79 -6.68
N LEU A 38 1.34 -2.10 -5.55
CA LEU A 38 0.05 -1.81 -4.92
C LEU A 38 -0.88 -1.09 -5.88
N GLN A 39 -0.33 -0.13 -6.63
CA GLN A 39 -1.11 0.64 -7.59
C GLN A 39 -1.72 -0.28 -8.66
N SER A 40 -0.93 -1.24 -9.13
CA SER A 40 -1.38 -2.17 -10.14
C SER A 40 -2.51 -3.05 -9.62
N TYR A 41 -2.34 -3.55 -8.39
CA TYR A 41 -3.35 -4.40 -7.77
C TYR A 41 -4.69 -3.69 -7.71
N THR A 42 -4.72 -2.51 -7.08
CA THR A 42 -5.94 -1.74 -6.96
C THR A 42 -6.56 -1.45 -8.33
N ARG A 43 -5.72 -1.03 -9.27
CA ARG A 43 -6.18 -0.72 -10.62
C ARG A 43 -6.88 -1.93 -11.24
N GLN A 44 -6.32 -3.11 -11.03
CA GLN A 44 -6.90 -4.34 -11.57
C GLN A 44 -8.16 -4.73 -10.80
N THR A 45 -7.97 -5.17 -9.56
CA THR A 45 -9.10 -5.58 -8.73
C THR A 45 -10.15 -4.48 -8.64
N GLY A 46 -9.73 -3.29 -8.22
CA GLY A 46 -10.64 -2.18 -8.10
C GLY A 46 -11.01 -1.89 -6.66
N ILE A 47 -10.16 -2.32 -5.73
CA ILE A 47 -10.40 -2.09 -4.30
C ILE A 47 -9.34 -1.18 -3.70
N VAL A 48 -9.78 -0.05 -3.17
CA VAL A 48 -8.86 0.91 -2.56
C VAL A 48 -8.46 0.46 -1.17
N LEU A 49 -7.24 -0.05 -1.04
CA LEU A 49 -6.73 -0.51 0.25
C LEU A 49 -6.68 0.62 1.26
N ASN A 50 -7.17 0.35 2.46
CA ASN A 50 -7.20 1.36 3.52
C ASN A 50 -6.02 1.17 4.47
N ARG A 51 -5.17 2.18 4.56
CA ARG A 51 -4.00 2.13 5.44
C ARG A 51 -4.40 1.75 6.85
N PRO A 52 -3.55 0.96 7.51
CA PRO A 52 -3.79 0.50 8.89
C PRO A 52 -3.67 1.64 9.90
N SER A 53 -4.82 2.19 10.29
CA SER A 53 -4.85 3.28 11.25
C SER A 53 -5.91 3.03 12.33
N GLY A 54 -5.47 3.03 13.59
CA GLY A 54 -6.39 2.80 14.68
C GLY A 54 -7.57 3.74 14.66
N PRO A 55 -8.74 3.26 15.13
CA PRO A 55 -9.97 4.05 15.18
C PRO A 55 -9.90 5.17 16.20
N SER A 56 -8.92 5.10 17.08
CA SER A 56 -8.75 6.13 18.12
C SER A 56 -7.38 6.01 18.77
N SER A 57 -6.92 7.10 19.38
CA SER A 57 -5.62 7.12 20.03
C SER A 57 -5.77 7.08 21.56
N GLY A 58 -4.66 6.88 22.25
CA GLY A 58 -4.69 6.81 23.70
C GLY A 58 -3.31 6.67 24.31
N GLY A 1 -11.87 9.30 1.70
CA GLY A 1 -12.66 10.48 2.03
C GLY A 1 -12.44 11.61 1.05
N SER A 2 -11.19 11.99 0.85
CA SER A 2 -10.85 13.07 -0.06
C SER A 2 -10.95 12.61 -1.51
N SER A 3 -11.77 13.31 -2.30
CA SER A 3 -11.96 12.97 -3.70
C SER A 3 -10.89 13.63 -4.56
N GLY A 4 -9.63 13.45 -4.17
CA GLY A 4 -8.53 14.03 -4.93
C GLY A 4 -7.45 13.01 -5.24
N SER A 5 -6.21 13.49 -5.36
CA SER A 5 -5.08 12.63 -5.67
C SER A 5 -4.88 11.59 -4.56
N SER A 6 -4.95 10.32 -4.94
CA SER A 6 -4.78 9.23 -3.98
C SER A 6 -3.70 8.26 -4.44
N GLY A 7 -2.57 8.27 -3.74
CA GLY A 7 -1.47 7.39 -4.09
C GLY A 7 -1.02 6.53 -2.93
N TYR A 8 0.18 5.96 -3.05
CA TYR A 8 0.71 5.10 -2.00
C TYR A 8 2.16 5.48 -1.67
N GLY A 9 2.42 6.79 -1.64
CA GLY A 9 3.75 7.26 -1.33
C GLY A 9 3.96 7.50 0.15
N ALA A 10 3.18 8.41 0.73
CA ALA A 10 3.29 8.73 2.14
C ALA A 10 3.64 7.49 2.95
N TRP A 11 3.03 6.36 2.61
CA TRP A 11 3.28 5.10 3.31
C TRP A 11 4.76 4.90 3.54
N ALA A 12 5.09 4.09 4.54
CA ALA A 12 6.49 3.81 4.85
C ALA A 12 6.89 2.41 4.40
N ALA A 13 8.18 2.22 4.14
CA ALA A 13 8.69 0.93 3.70
C ALA A 13 7.96 -0.22 4.39
N GLN A 14 7.82 -0.11 5.70
CA GLN A 14 7.15 -1.14 6.48
C GLN A 14 5.71 -1.32 6.02
N GLU A 15 4.88 -0.30 6.25
CA GLU A 15 3.48 -0.35 5.85
C GLU A 15 3.32 -1.05 4.51
N LEU A 16 4.01 -0.54 3.49
CA LEU A 16 3.95 -1.11 2.16
C LEU A 16 4.25 -2.60 2.19
N GLN A 17 5.41 -2.95 2.72
CA GLN A 17 5.82 -4.34 2.82
C GLN A 17 4.73 -5.19 3.47
N ALA A 18 4.37 -4.84 4.70
CA ALA A 18 3.35 -5.57 5.43
C ALA A 18 2.19 -5.94 4.52
N LYS A 19 1.56 -4.94 3.93
CA LYS A 19 0.43 -5.16 3.03
C LYS A 19 0.77 -6.20 1.98
N LEU A 20 1.79 -5.92 1.17
CA LEU A 20 2.22 -6.83 0.12
C LEU A 20 2.26 -8.26 0.63
N ALA A 21 3.18 -8.53 1.55
CA ALA A 21 3.33 -9.85 2.14
C ALA A 21 1.98 -10.40 2.59
N GLU A 22 1.13 -9.52 3.09
CA GLU A 22 -0.19 -9.92 3.58
C GLU A 22 -0.97 -10.62 2.47
N ILE A 23 -0.99 -10.02 1.29
CA ILE A 23 -1.71 -10.58 0.15
C ILE A 23 -0.88 -11.65 -0.54
N GLY A 24 0.24 -12.01 0.07
CA GLY A 24 1.11 -13.02 -0.50
C GLY A 24 1.99 -12.48 -1.60
N ALA A 25 2.23 -11.17 -1.57
CA ALA A 25 3.07 -10.52 -2.57
C ALA A 25 4.51 -10.40 -2.09
N PRO A 26 5.46 -10.55 -3.02
CA PRO A 26 6.90 -10.47 -2.72
C PRO A 26 7.33 -9.05 -2.36
N ILE A 27 7.93 -8.90 -1.17
CA ILE A 27 8.39 -7.60 -0.71
C ILE A 27 9.78 -7.29 -1.24
N GLN A 28 10.01 -7.63 -2.51
CA GLN A 28 11.30 -7.38 -3.15
C GLN A 28 11.24 -6.14 -4.04
N GLY A 29 12.33 -5.38 -4.04
CA GLY A 29 12.38 -4.17 -4.85
C GLY A 29 12.41 -2.92 -4.01
N ASN A 30 12.82 -1.80 -4.63
CA ASN A 30 12.88 -0.53 -3.93
C ASN A 30 11.49 0.06 -3.74
N ARG A 31 11.38 1.04 -2.84
CA ARG A 31 10.10 1.68 -2.56
C ARG A 31 9.30 1.87 -3.85
N GLU A 32 9.97 2.33 -4.90
CA GLU A 32 9.32 2.56 -6.18
C GLU A 32 8.57 1.31 -6.64
N GLU A 33 9.30 0.19 -6.74
CA GLU A 33 8.70 -1.08 -7.15
C GLU A 33 7.46 -1.40 -6.32
N LEU A 34 7.63 -1.38 -5.00
CA LEU A 34 6.53 -1.68 -4.08
C LEU A 34 5.32 -0.80 -4.40
N VAL A 35 5.52 0.51 -4.36
CA VAL A 35 4.44 1.46 -4.63
C VAL A 35 3.68 1.06 -5.89
N GLU A 36 4.40 0.91 -7.00
CA GLU A 36 3.80 0.54 -8.28
C GLU A 36 2.94 -0.72 -8.12
N ARG A 37 3.51 -1.76 -7.52
CA ARG A 37 2.81 -3.01 -7.31
C ARG A 37 1.42 -2.76 -6.74
N LEU A 38 1.38 -2.14 -5.57
CA LEU A 38 0.10 -1.84 -4.91
C LEU A 38 -0.82 -1.08 -5.84
N GLN A 39 -0.28 -0.10 -6.55
CA GLN A 39 -1.06 0.70 -7.48
C GLN A 39 -1.71 -0.19 -8.56
N SER A 40 -0.97 -1.19 -9.01
CA SER A 40 -1.46 -2.10 -10.03
C SER A 40 -2.65 -2.90 -9.52
N TYR A 41 -2.47 -3.55 -8.38
CA TYR A 41 -3.53 -4.36 -7.78
C TYR A 41 -4.84 -3.57 -7.71
N THR A 42 -4.78 -2.40 -7.09
CA THR A 42 -5.95 -1.54 -6.96
C THR A 42 -6.58 -1.24 -8.32
N ARG A 43 -5.72 -0.98 -9.31
CA ARG A 43 -6.18 -0.66 -10.65
C ARG A 43 -6.89 -1.87 -11.28
N GLN A 44 -6.31 -3.05 -11.07
CA GLN A 44 -6.88 -4.28 -11.61
C GLN A 44 -8.16 -4.65 -10.88
N THR A 45 -8.04 -4.96 -9.61
CA THR A 45 -9.19 -5.33 -8.79
C THR A 45 -10.16 -4.17 -8.63
N GLY A 46 -9.61 -3.00 -8.32
CA GLY A 46 -10.44 -1.82 -8.14
C GLY A 46 -10.58 -1.41 -6.69
N ILE A 47 -10.45 -2.39 -5.79
CA ILE A 47 -10.56 -2.13 -4.36
C ILE A 47 -9.40 -1.26 -3.87
N VAL A 48 -9.70 -0.35 -2.95
CA VAL A 48 -8.68 0.53 -2.40
C VAL A 48 -8.22 0.05 -1.02
N LEU A 49 -6.93 -0.26 -0.91
CA LEU A 49 -6.36 -0.74 0.35
C LEU A 49 -6.17 0.42 1.32
N ASN A 50 -7.05 0.49 2.33
CA ASN A 50 -6.97 1.54 3.33
C ASN A 50 -5.78 1.32 4.26
N ARG A 51 -4.99 2.37 4.45
CA ARG A 51 -3.82 2.30 5.32
C ARG A 51 -4.21 1.85 6.72
N PRO A 52 -3.35 1.04 7.35
CA PRO A 52 -3.59 0.54 8.71
C PRO A 52 -3.49 1.63 9.77
N SER A 53 -3.95 1.32 10.98
CA SER A 53 -3.92 2.28 12.07
C SER A 53 -4.20 1.59 13.40
N GLY A 54 -3.32 1.82 14.38
CA GLY A 54 -3.50 1.21 15.68
C GLY A 54 -2.30 1.43 16.59
N PRO A 55 -1.23 0.66 16.36
CA PRO A 55 0.00 0.75 17.15
C PRO A 55 0.76 2.05 16.89
N SER A 56 0.51 2.65 15.73
CA SER A 56 1.17 3.90 15.35
C SER A 56 1.26 4.84 16.55
N SER A 57 2.19 5.80 16.47
CA SER A 57 2.38 6.76 17.54
C SER A 57 1.05 7.32 18.03
N GLY A 58 1.07 7.96 19.19
CA GLY A 58 -0.14 8.53 19.74
C GLY A 58 -0.92 9.34 18.73
N GLY A 1 -10.80 5.89 1.81
CA GLY A 1 -10.61 5.33 0.48
C GLY A 1 -10.38 6.40 -0.57
N SER A 2 -9.17 6.45 -1.10
CA SER A 2 -8.81 7.44 -2.12
C SER A 2 -9.25 8.83 -1.69
N SER A 3 -9.06 9.15 -0.42
CA SER A 3 -9.44 10.45 0.12
C SER A 3 -8.23 11.36 0.23
N GLY A 4 -7.91 12.04 -0.87
CA GLY A 4 -6.77 12.94 -0.88
C GLY A 4 -5.48 12.24 -0.53
N SER A 5 -4.80 11.71 -1.54
CA SER A 5 -3.54 11.01 -1.33
C SER A 5 -2.67 11.07 -2.59
N SER A 6 -1.38 11.33 -2.39
CA SER A 6 -0.45 11.42 -3.51
C SER A 6 0.04 10.04 -3.91
N GLY A 7 -0.87 9.07 -3.90
CA GLY A 7 -0.51 7.71 -4.27
C GLY A 7 -0.02 6.90 -3.10
N TYR A 8 0.59 5.74 -3.39
CA TYR A 8 1.11 4.88 -2.34
C TYR A 8 2.56 5.21 -2.02
N GLY A 9 2.85 6.51 -1.92
CA GLY A 9 4.20 6.94 -1.63
C GLY A 9 4.36 7.40 -0.19
N ALA A 10 3.38 8.16 0.30
CA ALA A 10 3.42 8.67 1.67
C ALA A 10 3.63 7.54 2.66
N TRP A 11 3.28 6.32 2.26
CA TRP A 11 3.44 5.15 3.12
C TRP A 11 4.91 4.91 3.43
N ALA A 12 5.16 4.03 4.40
CA ALA A 12 6.53 3.70 4.79
C ALA A 12 6.87 2.26 4.45
N ALA A 13 8.13 2.01 4.14
CA ALA A 13 8.59 0.67 3.79
C ALA A 13 7.83 -0.38 4.58
N GLN A 14 7.88 -0.28 5.90
CA GLN A 14 7.21 -1.23 6.78
C GLN A 14 5.75 -1.42 6.35
N GLU A 15 5.02 -0.32 6.30
CA GLU A 15 3.61 -0.36 5.91
C GLU A 15 3.43 -1.12 4.60
N LEU A 16 4.02 -0.58 3.53
CA LEU A 16 3.92 -1.22 2.21
C LEU A 16 4.26 -2.70 2.30
N GLN A 17 5.47 -3.01 2.76
CA GLN A 17 5.91 -4.39 2.89
C GLN A 17 4.84 -5.24 3.56
N ALA A 18 4.37 -4.78 4.72
CA ALA A 18 3.33 -5.50 5.47
C ALA A 18 2.19 -5.93 4.55
N LYS A 19 1.55 -4.95 3.92
CA LYS A 19 0.44 -5.23 3.03
C LYS A 19 0.84 -6.24 1.96
N LEU A 20 1.94 -5.97 1.27
CA LEU A 20 2.43 -6.88 0.23
C LEU A 20 2.48 -8.31 0.74
N ALA A 21 3.35 -8.56 1.71
CA ALA A 21 3.50 -9.89 2.28
C ALA A 21 2.17 -10.42 2.80
N GLU A 22 1.25 -9.50 3.13
CA GLU A 22 -0.05 -9.87 3.65
C GLU A 22 -0.93 -10.46 2.53
N ILE A 23 -1.02 -9.74 1.42
CA ILE A 23 -1.82 -10.19 0.29
C ILE A 23 -1.14 -11.35 -0.43
N GLY A 24 0.01 -11.76 0.08
CA GLY A 24 0.73 -12.87 -0.53
C GLY A 24 1.61 -12.42 -1.68
N ALA A 25 2.14 -11.20 -1.59
CA ALA A 25 3.00 -10.66 -2.63
C ALA A 25 4.44 -10.54 -2.16
N PRO A 26 5.38 -10.73 -3.09
CA PRO A 26 6.82 -10.65 -2.79
C PRO A 26 7.27 -9.23 -2.46
N ILE A 27 8.03 -9.10 -1.38
CA ILE A 27 8.53 -7.79 -0.97
C ILE A 27 9.86 -7.47 -1.64
N GLN A 28 9.94 -7.75 -2.94
CA GLN A 28 11.14 -7.49 -3.70
C GLN A 28 11.05 -6.16 -4.44
N GLY A 29 12.10 -5.35 -4.32
CA GLY A 29 12.11 -4.05 -4.98
C GLY A 29 12.26 -2.91 -4.00
N ASN A 30 12.58 -1.72 -4.52
CA ASN A 30 12.76 -0.54 -3.68
C ASN A 30 11.43 0.17 -3.47
N ARG A 31 11.45 1.21 -2.65
CA ARG A 31 10.24 1.98 -2.36
C ARG A 31 9.38 2.12 -3.60
N GLU A 32 9.97 2.64 -4.68
CA GLU A 32 9.25 2.82 -5.93
C GLU A 32 8.53 1.54 -6.35
N GLU A 33 9.30 0.45 -6.45
CA GLU A 33 8.75 -0.84 -6.84
C GLU A 33 7.44 -1.12 -6.11
N LEU A 34 7.51 -1.16 -4.78
CA LEU A 34 6.33 -1.41 -3.96
C LEU A 34 5.15 -0.56 -4.41
N VAL A 35 5.40 0.74 -4.59
CA VAL A 35 4.36 1.66 -5.03
C VAL A 35 3.65 1.14 -6.27
N GLU A 36 4.43 0.71 -7.27
CA GLU A 36 3.88 0.20 -8.51
C GLU A 36 3.05 -1.06 -8.25
N ARG A 37 3.48 -1.84 -7.26
CA ARG A 37 2.78 -3.07 -6.91
C ARG A 37 1.33 -2.79 -6.50
N LEU A 38 1.17 -1.99 -5.45
CA LEU A 38 -0.15 -1.65 -4.95
C LEU A 38 -0.99 -1.00 -6.05
N GLN A 39 -0.36 -0.16 -6.86
CA GLN A 39 -1.05 0.51 -7.96
C GLN A 39 -1.58 -0.50 -8.97
N SER A 40 -0.79 -1.52 -9.26
CA SER A 40 -1.18 -2.56 -10.20
C SER A 40 -2.37 -3.36 -9.68
N TYR A 41 -2.37 -3.61 -8.36
CA TYR A 41 -3.44 -4.37 -7.73
C TYR A 41 -4.73 -3.56 -7.70
N THR A 42 -4.62 -2.29 -7.31
CA THR A 42 -5.78 -1.42 -7.22
C THR A 42 -6.47 -1.28 -8.58
N ARG A 43 -5.66 -1.22 -9.64
CA ARG A 43 -6.18 -1.09 -11.00
C ARG A 43 -6.75 -2.42 -11.48
N GLN A 44 -6.00 -3.49 -11.28
CA GLN A 44 -6.43 -4.82 -11.71
C GLN A 44 -7.82 -5.14 -11.18
N THR A 45 -7.93 -5.34 -9.87
CA THR A 45 -9.20 -5.64 -9.24
C THR A 45 -10.15 -4.45 -9.28
N GLY A 46 -9.58 -3.25 -9.06
CA GLY A 46 -10.38 -2.05 -9.08
C GLY A 46 -10.78 -1.60 -7.68
N ILE A 47 -9.98 -1.97 -6.69
CA ILE A 47 -10.25 -1.60 -5.31
C ILE A 47 -9.08 -0.82 -4.71
N VAL A 48 -9.40 0.26 -4.01
CA VAL A 48 -8.38 1.09 -3.39
C VAL A 48 -8.08 0.61 -1.97
N LEU A 49 -6.79 0.58 -1.63
CA LEU A 49 -6.36 0.13 -0.30
C LEU A 49 -6.06 1.33 0.60
N ASN A 50 -6.36 1.17 1.89
CA ASN A 50 -6.13 2.23 2.86
C ASN A 50 -4.87 1.96 3.67
N ARG A 51 -4.32 3.00 4.28
CA ARG A 51 -3.13 2.88 5.09
C ARG A 51 -3.47 2.48 6.52
N PRO A 52 -2.61 1.63 7.12
CA PRO A 52 -2.81 1.14 8.49
C PRO A 52 -2.60 2.24 9.53
N SER A 53 -2.82 1.90 10.79
CA SER A 53 -2.66 2.86 11.88
C SER A 53 -1.52 2.44 12.81
N GLY A 54 -0.71 3.41 13.20
CA GLY A 54 0.42 3.13 14.08
C GLY A 54 0.09 3.39 15.53
N PRO A 55 1.14 3.57 16.35
CA PRO A 55 0.98 3.83 17.79
C PRO A 55 0.41 5.22 18.06
N SER A 56 -0.37 5.32 19.14
CA SER A 56 -0.98 6.60 19.51
C SER A 56 -0.04 7.76 19.20
N SER A 57 1.13 7.76 19.83
CA SER A 57 2.11 8.82 19.62
C SER A 57 1.45 10.19 19.66
N GLY A 58 0.52 10.36 20.60
CA GLY A 58 -0.18 11.63 20.73
C GLY A 58 -1.17 11.63 21.87
N GLY A 1 -3.49 19.26 1.94
CA GLY A 1 -3.54 20.28 0.91
C GLY A 1 -3.99 19.73 -0.43
N SER A 2 -3.99 20.58 -1.45
CA SER A 2 -4.41 20.18 -2.78
C SER A 2 -3.24 19.64 -3.59
N SER A 3 -3.10 18.31 -3.60
CA SER A 3 -2.01 17.67 -4.32
C SER A 3 -2.43 17.34 -5.76
N GLY A 4 -3.51 16.58 -5.90
CA GLY A 4 -3.99 16.21 -7.22
C GLY A 4 -3.79 14.74 -7.53
N SER A 5 -2.53 14.31 -7.60
CA SER A 5 -2.21 12.92 -7.90
C SER A 5 -2.15 12.10 -6.62
N SER A 6 -2.57 10.84 -6.70
CA SER A 6 -2.56 9.95 -5.55
C SER A 6 -1.58 8.80 -5.76
N GLY A 7 -0.92 8.39 -4.68
CA GLY A 7 0.03 7.29 -4.76
C GLY A 7 0.25 6.61 -3.43
N TYR A 8 1.17 5.66 -3.40
CA TYR A 8 1.47 4.92 -2.18
C TYR A 8 2.91 5.13 -1.75
N GLY A 9 3.39 6.37 -1.88
CA GLY A 9 4.76 6.69 -1.51
C GLY A 9 4.88 7.05 -0.04
N ALA A 10 4.15 8.07 0.38
CA ALA A 10 4.19 8.53 1.76
C ALA A 10 4.29 7.34 2.72
N TRP A 11 3.67 6.22 2.35
CA TRP A 11 3.69 5.03 3.18
C TRP A 11 5.12 4.66 3.56
N ALA A 12 5.28 4.00 4.70
CA ALA A 12 6.59 3.60 5.18
C ALA A 12 6.92 2.18 4.72
N ALA A 13 8.20 1.93 4.44
CA ALA A 13 8.65 0.62 3.99
C ALA A 13 7.91 -0.49 4.72
N GLN A 14 7.72 -0.30 6.02
CA GLN A 14 7.04 -1.30 6.84
C GLN A 14 5.58 -1.46 6.40
N GLU A 15 4.85 -0.34 6.39
CA GLU A 15 3.45 -0.35 5.99
C GLU A 15 3.26 -1.07 4.66
N LEU A 16 4.05 -0.68 3.66
CA LEU A 16 3.97 -1.30 2.34
C LEU A 16 4.30 -2.79 2.42
N GLN A 17 5.51 -3.10 2.88
CA GLN A 17 5.95 -4.48 3.00
C GLN A 17 4.86 -5.34 3.65
N ALA A 18 4.38 -4.91 4.80
CA ALA A 18 3.34 -5.64 5.51
C ALA A 18 2.18 -5.99 4.59
N LYS A 19 1.50 -4.96 4.08
CA LYS A 19 0.37 -5.16 3.19
C LYS A 19 0.72 -6.15 2.08
N LEU A 20 1.73 -5.80 1.28
CA LEU A 20 2.18 -6.65 0.18
C LEU A 20 2.31 -8.10 0.64
N ALA A 21 3.28 -8.36 1.52
CA ALA A 21 3.50 -9.70 2.03
C ALA A 21 2.21 -10.32 2.56
N GLU A 22 1.32 -9.46 3.07
CA GLU A 22 0.05 -9.93 3.61
C GLU A 22 -0.84 -10.48 2.50
N ILE A 23 -0.92 -9.74 1.39
CA ILE A 23 -1.74 -10.15 0.26
C ILE A 23 -1.05 -11.23 -0.56
N GLY A 24 0.11 -11.68 -0.08
CA GLY A 24 0.86 -12.70 -0.78
C GLY A 24 1.74 -12.13 -1.86
N ALA A 25 2.19 -10.90 -1.67
CA ALA A 25 3.06 -10.23 -2.64
C ALA A 25 4.51 -10.25 -2.18
N PRO A 26 5.44 -10.38 -3.14
CA PRO A 26 6.88 -10.40 -2.85
C PRO A 26 7.40 -9.05 -2.41
N ILE A 27 8.07 -9.03 -1.25
CA ILE A 27 8.62 -7.80 -0.71
C ILE A 27 9.99 -7.51 -1.31
N GLN A 28 10.10 -7.62 -2.62
CA GLN A 28 11.36 -7.36 -3.32
C GLN A 28 11.31 -6.02 -4.05
N GLY A 29 12.46 -5.61 -4.59
CA GLY A 29 12.54 -4.35 -5.31
C GLY A 29 12.64 -3.16 -4.38
N ASN A 30 12.90 -1.99 -4.94
CA ASN A 30 13.03 -0.77 -4.14
C ASN A 30 11.65 -0.19 -3.82
N ARG A 31 11.63 0.80 -2.93
CA ARG A 31 10.38 1.44 -2.54
C ARG A 31 9.48 1.67 -3.75
N GLU A 32 10.00 2.42 -4.72
CA GLU A 32 9.23 2.72 -5.93
C GLU A 32 8.52 1.48 -6.44
N GLU A 33 9.28 0.41 -6.67
CA GLU A 33 8.71 -0.85 -7.16
C GLU A 33 7.49 -1.25 -6.33
N LEU A 34 7.62 -1.18 -5.01
CA LEU A 34 6.54 -1.54 -4.12
C LEU A 34 5.26 -0.76 -4.44
N VAL A 35 5.41 0.56 -4.54
CA VAL A 35 4.28 1.44 -4.85
C VAL A 35 3.58 0.99 -6.13
N GLU A 36 4.38 0.71 -7.16
CA GLU A 36 3.83 0.27 -8.44
C GLU A 36 2.94 -0.96 -8.27
N ARG A 37 3.46 -1.96 -7.56
CA ARG A 37 2.72 -3.19 -7.31
C ARG A 37 1.34 -2.89 -6.71
N LEU A 38 1.34 -2.11 -5.65
CA LEU A 38 0.10 -1.74 -4.97
C LEU A 38 -0.87 -1.07 -5.94
N GLN A 39 -0.32 -0.23 -6.83
CA GLN A 39 -1.15 0.48 -7.80
C GLN A 39 -1.83 -0.50 -8.74
N SER A 40 -1.09 -1.50 -9.21
CA SER A 40 -1.63 -2.50 -10.12
C SER A 40 -2.81 -3.23 -9.48
N TYR A 41 -2.65 -3.61 -8.23
CA TYR A 41 -3.70 -4.33 -7.50
C TYR A 41 -4.98 -3.50 -7.45
N THR A 42 -4.88 -2.31 -6.87
CA THR A 42 -6.04 -1.42 -6.76
C THR A 42 -6.67 -1.16 -8.12
N ARG A 43 -5.84 -0.93 -9.13
CA ARG A 43 -6.32 -0.68 -10.48
C ARG A 43 -7.13 -1.86 -10.99
N GLN A 44 -6.66 -3.07 -10.72
CA GLN A 44 -7.35 -4.27 -11.17
C GLN A 44 -8.59 -4.54 -10.32
N THR A 45 -8.37 -4.80 -9.04
CA THR A 45 -9.47 -5.07 -8.11
C THR A 45 -10.43 -3.89 -8.05
N GLY A 46 -9.90 -2.72 -7.71
CA GLY A 46 -10.72 -1.53 -7.62
C GLY A 46 -10.96 -1.10 -6.18
N ILE A 47 -10.09 -1.53 -5.28
CA ILE A 47 -10.21 -1.19 -3.87
C ILE A 47 -9.00 -0.39 -3.39
N VAL A 48 -9.22 0.90 -3.11
CA VAL A 48 -8.15 1.77 -2.64
C VAL A 48 -7.72 1.40 -1.22
N LEU A 49 -6.56 0.77 -1.10
CA LEU A 49 -6.04 0.36 0.19
C LEU A 49 -5.81 1.57 1.09
N ASN A 50 -6.10 1.41 2.38
CA ASN A 50 -5.94 2.49 3.35
C ASN A 50 -4.68 2.27 4.18
N ARG A 51 -4.12 3.36 4.71
CA ARG A 51 -2.93 3.29 5.52
C ARG A 51 -3.27 2.93 6.96
N PRO A 52 -2.40 2.14 7.60
CA PRO A 52 -2.60 1.70 8.99
C PRO A 52 -2.41 2.84 9.98
N SER A 53 -3.53 3.36 10.49
CA SER A 53 -3.50 4.47 11.44
C SER A 53 -4.79 4.53 12.24
N GLY A 54 -4.70 4.98 13.49
CA GLY A 54 -5.87 5.07 14.33
C GLY A 54 -5.59 4.67 15.77
N PRO A 55 -5.05 5.61 16.56
CA PRO A 55 -4.73 5.37 17.96
C PRO A 55 -5.97 5.21 18.83
N SER A 56 -7.13 5.50 18.25
CA SER A 56 -8.40 5.40 18.97
C SER A 56 -9.57 5.58 18.03
N SER A 57 -10.41 4.55 17.92
CA SER A 57 -11.57 4.60 17.05
C SER A 57 -12.45 5.81 17.37
N GLY A 58 -12.74 6.00 18.66
CA GLY A 58 -13.56 7.12 19.08
C GLY A 58 -13.54 7.32 20.58
N GLY A 1 -15.63 11.30 4.48
CA GLY A 1 -15.03 11.86 3.28
C GLY A 1 -14.00 12.93 3.59
N SER A 2 -12.73 12.56 3.57
CA SER A 2 -11.65 13.48 3.86
C SER A 2 -10.57 13.43 2.78
N SER A 3 -10.02 14.58 2.44
CA SER A 3 -8.98 14.66 1.42
C SER A 3 -7.62 14.28 2.00
N GLY A 4 -6.86 13.51 1.22
CA GLY A 4 -5.54 13.08 1.68
C GLY A 4 -4.54 13.00 0.54
N SER A 5 -3.93 11.84 0.37
CA SER A 5 -2.94 11.64 -0.69
C SER A 5 -3.54 10.85 -1.85
N SER A 6 -2.77 10.71 -2.92
CA SER A 6 -3.23 9.98 -4.10
C SER A 6 -2.45 8.68 -4.27
N GLY A 7 -1.13 8.79 -4.27
CA GLY A 7 -0.29 7.61 -4.44
C GLY A 7 0.10 6.99 -3.11
N TYR A 8 0.71 5.82 -3.16
CA TYR A 8 1.13 5.11 -1.95
C TYR A 8 2.56 5.48 -1.58
N GLY A 9 2.88 6.77 -1.67
CA GLY A 9 4.22 7.22 -1.35
C GLY A 9 4.40 7.48 0.14
N ALA A 10 3.46 8.22 0.72
CA ALA A 10 3.52 8.53 2.15
C ALA A 10 3.76 7.28 2.98
N TRP A 11 3.11 6.19 2.61
CA TRP A 11 3.25 4.93 3.32
C TRP A 11 4.71 4.62 3.59
N ALA A 12 4.99 4.09 4.78
CA ALA A 12 6.36 3.74 5.16
C ALA A 12 6.75 2.38 4.64
N ALA A 13 7.99 2.24 4.19
CA ALA A 13 8.48 0.98 3.66
C ALA A 13 7.88 -0.20 4.40
N GLN A 14 7.82 -0.10 5.73
CA GLN A 14 7.25 -1.16 6.55
C GLN A 14 5.79 -1.39 6.21
N GLU A 15 5.01 -0.31 6.15
CA GLU A 15 3.60 -0.40 5.84
C GLU A 15 3.38 -1.12 4.51
N LEU A 16 3.98 -0.59 3.45
CA LEU A 16 3.85 -1.17 2.12
C LEU A 16 4.18 -2.66 2.15
N GLN A 17 5.33 -2.99 2.73
CA GLN A 17 5.76 -4.38 2.81
C GLN A 17 4.69 -5.24 3.47
N ALA A 18 4.31 -4.88 4.69
CA ALA A 18 3.29 -5.62 5.43
C ALA A 18 2.14 -6.02 4.51
N LYS A 19 1.51 -5.02 3.89
CA LYS A 19 0.40 -5.27 2.99
C LYS A 19 0.75 -6.34 1.96
N LEU A 20 1.68 -6.01 1.07
CA LEU A 20 2.12 -6.94 0.04
C LEU A 20 2.22 -8.36 0.59
N ALA A 21 3.16 -8.56 1.51
CA ALA A 21 3.36 -9.86 2.12
C ALA A 21 2.05 -10.46 2.59
N GLU A 22 1.19 -9.62 3.18
CA GLU A 22 -0.10 -10.07 3.67
C GLU A 22 -0.92 -10.72 2.56
N ILE A 23 -0.95 -10.07 1.39
CA ILE A 23 -1.69 -10.60 0.25
C ILE A 23 -0.89 -11.66 -0.49
N GLY A 24 0.22 -12.09 0.12
CA GLY A 24 1.06 -13.10 -0.49
C GLY A 24 1.93 -12.53 -1.60
N ALA A 25 2.23 -11.25 -1.51
CA ALA A 25 3.06 -10.58 -2.51
C ALA A 25 4.51 -10.45 -2.03
N PRO A 26 5.45 -10.53 -2.98
CA PRO A 26 6.89 -10.42 -2.67
C PRO A 26 7.28 -9.00 -2.25
N ILE A 27 7.93 -8.89 -1.10
CA ILE A 27 8.37 -7.61 -0.59
C ILE A 27 9.77 -7.26 -1.08
N GLN A 28 10.06 -7.61 -2.32
CA GLN A 28 11.37 -7.34 -2.91
C GLN A 28 11.34 -6.08 -3.76
N GLY A 29 12.51 -5.52 -4.03
CA GLY A 29 12.59 -4.31 -4.84
C GLY A 29 12.61 -3.05 -4.00
N ASN A 30 12.81 -1.91 -4.65
CA ASN A 30 12.87 -0.63 -3.95
C ASN A 30 11.46 -0.05 -3.77
N ARG A 31 11.38 1.08 -3.06
CA ARG A 31 10.10 1.73 -2.82
C ARG A 31 9.31 1.88 -4.11
N GLU A 32 9.98 2.34 -5.16
CA GLU A 32 9.34 2.54 -6.46
C GLU A 32 8.56 1.30 -6.87
N GLU A 33 9.21 0.14 -6.79
CA GLU A 33 8.57 -1.12 -7.16
C GLU A 33 7.37 -1.40 -6.26
N LEU A 34 7.58 -1.32 -4.95
CA LEU A 34 6.52 -1.57 -3.98
C LEU A 34 5.30 -0.71 -4.29
N VAL A 35 5.49 0.60 -4.32
CA VAL A 35 4.41 1.54 -4.60
C VAL A 35 3.70 1.17 -5.90
N GLU A 36 4.48 0.97 -6.95
CA GLU A 36 3.92 0.62 -8.26
C GLU A 36 3.03 -0.62 -8.15
N ARG A 37 3.56 -1.66 -7.52
CA ARG A 37 2.82 -2.91 -7.35
C ARG A 37 1.44 -2.64 -6.76
N LEU A 38 1.41 -1.99 -5.60
CA LEU A 38 0.15 -1.68 -4.93
C LEU A 38 -0.80 -0.95 -5.88
N GLN A 39 -0.26 0.01 -6.63
CA GLN A 39 -1.06 0.78 -7.57
C GLN A 39 -1.71 -0.13 -8.60
N SER A 40 -0.96 -1.11 -9.08
CA SER A 40 -1.47 -2.04 -10.08
C SER A 40 -2.64 -2.84 -9.53
N TYR A 41 -2.51 -3.32 -8.30
CA TYR A 41 -3.56 -4.09 -7.65
C TYR A 41 -4.84 -3.27 -7.52
N THR A 42 -4.74 -2.15 -6.80
CA THR A 42 -5.88 -1.27 -6.59
C THR A 42 -6.64 -1.05 -7.89
N ARG A 43 -5.91 -0.78 -8.97
CA ARG A 43 -6.51 -0.54 -10.27
C ARG A 43 -7.12 -1.82 -10.83
N GLN A 44 -6.28 -2.83 -11.03
CA GLN A 44 -6.74 -4.11 -11.56
C GLN A 44 -8.02 -4.56 -10.88
N THR A 45 -7.95 -4.73 -9.56
CA THR A 45 -9.10 -5.16 -8.78
C THR A 45 -10.12 -4.03 -8.64
N GLY A 46 -9.66 -2.89 -8.14
CA GLY A 46 -10.54 -1.76 -7.96
C GLY A 46 -10.93 -1.54 -6.51
N ILE A 47 -10.04 -1.95 -5.60
CA ILE A 47 -10.31 -1.80 -4.17
C ILE A 47 -9.19 -1.01 -3.49
N VAL A 48 -9.57 0.11 -2.86
CA VAL A 48 -8.60 0.95 -2.17
C VAL A 48 -8.18 0.34 -0.84
N LEU A 49 -6.88 0.15 -0.67
CA LEU A 49 -6.35 -0.44 0.56
C LEU A 49 -6.13 0.64 1.62
N ASN A 50 -6.80 0.49 2.75
CA ASN A 50 -6.68 1.45 3.85
C ASN A 50 -5.43 1.16 4.69
N ARG A 51 -4.66 2.21 4.96
CA ARG A 51 -3.45 2.07 5.75
C ARG A 51 -3.76 1.57 7.16
N PRO A 52 -2.88 0.72 7.70
CA PRO A 52 -3.04 0.14 9.04
C PRO A 52 -2.86 1.18 10.14
N SER A 53 -3.89 1.38 10.94
CA SER A 53 -3.85 2.35 12.03
C SER A 53 -3.48 1.67 13.35
N GLY A 54 -4.30 0.70 13.74
CA GLY A 54 -4.05 -0.02 14.98
C GLY A 54 -4.86 0.53 16.14
N PRO A 55 -4.47 0.16 17.36
CA PRO A 55 -5.15 0.61 18.59
C PRO A 55 -4.92 2.09 18.87
N SER A 56 -5.90 2.92 18.51
CA SER A 56 -5.80 4.36 18.71
C SER A 56 -6.92 4.84 19.64
N SER A 57 -6.55 5.14 20.89
CA SER A 57 -7.52 5.60 21.87
C SER A 57 -7.41 7.11 22.05
N GLY A 58 -6.19 7.60 22.24
CA GLY A 58 -5.97 9.02 22.43
C GLY A 58 -6.48 9.84 21.26
N GLY A 1 -19.24 5.53 0.99
CA GLY A 1 -17.98 5.05 1.54
C GLY A 1 -17.14 6.17 2.11
N SER A 2 -16.17 5.81 2.94
CA SER A 2 -15.28 6.80 3.57
C SER A 2 -14.24 7.29 2.57
N SER A 3 -13.94 8.58 2.62
CA SER A 3 -12.95 9.17 1.73
C SER A 3 -11.65 8.38 1.75
N GLY A 4 -11.06 8.20 0.57
CA GLY A 4 -9.81 7.46 0.48
C GLY A 4 -8.78 8.15 -0.40
N SER A 5 -7.79 8.77 0.24
CA SER A 5 -6.74 9.48 -0.48
C SER A 5 -6.04 8.56 -1.46
N SER A 6 -6.08 8.92 -2.75
CA SER A 6 -5.45 8.12 -3.79
C SER A 6 -3.94 8.32 -3.79
N GLY A 7 -3.20 7.22 -3.75
CA GLY A 7 -1.75 7.29 -3.74
C GLY A 7 -1.13 6.57 -2.56
N TYR A 8 -0.11 5.76 -2.83
CA TYR A 8 0.57 5.00 -1.78
C TYR A 8 1.98 5.53 -1.57
N GLY A 9 2.14 6.84 -1.62
CA GLY A 9 3.44 7.44 -1.43
C GLY A 9 3.81 7.55 0.04
N ALA A 10 3.05 8.35 0.79
CA ALA A 10 3.31 8.53 2.21
C ALA A 10 3.62 7.21 2.88
N TRP A 11 2.89 6.16 2.51
CA TRP A 11 3.09 4.84 3.08
C TRP A 11 4.57 4.55 3.27
N ALA A 12 4.95 4.20 4.51
CA ALA A 12 6.34 3.89 4.82
C ALA A 12 6.69 2.47 4.39
N ALA A 13 7.98 2.24 4.13
CA ALA A 13 8.45 0.93 3.71
C ALA A 13 7.73 -0.18 4.47
N GLN A 14 7.81 -0.12 5.80
CA GLN A 14 7.18 -1.12 6.65
C GLN A 14 5.71 -1.32 6.26
N GLU A 15 5.00 -0.21 6.10
CA GLU A 15 3.59 -0.25 5.73
C GLU A 15 3.39 -1.02 4.43
N LEU A 16 4.02 -0.53 3.36
CA LEU A 16 3.92 -1.18 2.05
C LEU A 16 4.25 -2.66 2.15
N GLN A 17 5.42 -2.96 2.71
CA GLN A 17 5.86 -4.35 2.86
C GLN A 17 4.85 -5.15 3.65
N ALA A 18 4.26 -4.53 4.66
CA ALA A 18 3.28 -5.20 5.51
C ALA A 18 2.13 -5.75 4.67
N LYS A 19 1.52 -4.87 3.86
CA LYS A 19 0.41 -5.27 3.01
C LYS A 19 0.84 -6.35 2.02
N LEU A 20 1.81 -6.04 1.18
CA LEU A 20 2.32 -6.98 0.19
C LEU A 20 2.46 -8.37 0.80
N ALA A 21 3.20 -8.45 1.90
CA ALA A 21 3.42 -9.72 2.58
C ALA A 21 2.10 -10.36 3.00
N GLU A 22 1.14 -9.52 3.38
CA GLU A 22 -0.18 -10.01 3.79
C GLU A 22 -0.93 -10.61 2.62
N ILE A 23 -1.09 -9.82 1.56
CA ILE A 23 -1.80 -10.27 0.36
C ILE A 23 -1.16 -11.53 -0.21
N GLY A 24 0.07 -11.80 0.20
CA GLY A 24 0.79 -12.97 -0.28
C GLY A 24 1.64 -12.67 -1.50
N ALA A 25 2.06 -11.42 -1.63
CA ALA A 25 2.88 -11.00 -2.76
C ALA A 25 4.33 -10.81 -2.33
N PRO A 26 5.26 -10.96 -3.30
CA PRO A 26 6.69 -10.81 -3.04
C PRO A 26 7.08 -9.37 -2.75
N ILE A 27 7.81 -9.16 -1.64
CA ILE A 27 8.24 -7.83 -1.26
C ILE A 27 9.54 -7.45 -1.96
N GLN A 28 9.58 -7.66 -3.27
CA GLN A 28 10.76 -7.33 -4.07
C GLN A 28 10.60 -5.97 -4.74
N GLY A 29 11.63 -5.14 -4.65
CA GLY A 29 11.60 -3.82 -5.25
C GLY A 29 11.77 -2.72 -4.23
N ASN A 30 12.42 -1.63 -4.65
CA ASN A 30 12.65 -0.49 -3.76
C ASN A 30 11.36 0.26 -3.49
N ARG A 31 11.43 1.26 -2.61
CA ARG A 31 10.27 2.06 -2.26
C ARG A 31 9.36 2.26 -3.47
N GLU A 32 9.92 2.83 -4.54
CA GLU A 32 9.16 3.07 -5.76
C GLU A 32 8.51 1.79 -6.26
N GLU A 33 9.34 0.78 -6.55
CA GLU A 33 8.84 -0.49 -7.03
C GLU A 33 7.63 -0.96 -6.23
N LEU A 34 7.79 -1.02 -4.92
CA LEU A 34 6.71 -1.44 -4.03
C LEU A 34 5.42 -0.69 -4.35
N VAL A 35 5.49 0.63 -4.30
CA VAL A 35 4.33 1.48 -4.59
C VAL A 35 3.68 1.09 -5.92
N GLU A 36 4.53 0.80 -6.91
CA GLU A 36 4.03 0.41 -8.23
C GLU A 36 3.24 -0.89 -8.16
N ARG A 37 3.76 -1.84 -7.39
CA ARG A 37 3.10 -3.14 -7.24
C ARG A 37 1.68 -2.97 -6.71
N LEU A 38 1.55 -2.25 -5.60
CA LEU A 38 0.24 -2.02 -4.99
C LEU A 38 -0.70 -1.34 -5.98
N GLN A 39 -0.18 -0.36 -6.70
CA GLN A 39 -0.98 0.38 -7.67
C GLN A 39 -1.54 -0.57 -8.74
N SER A 40 -0.74 -1.57 -9.11
CA SER A 40 -1.16 -2.54 -10.12
C SER A 40 -2.29 -3.42 -9.59
N TYR A 41 -2.13 -3.91 -8.37
CA TYR A 41 -3.13 -4.76 -7.75
C TYR A 41 -4.44 -4.01 -7.54
N THR A 42 -4.35 -2.86 -6.87
CA THR A 42 -5.53 -2.05 -6.59
C THR A 42 -6.26 -1.68 -7.88
N ARG A 43 -5.51 -1.26 -8.89
CA ARG A 43 -6.09 -0.90 -10.18
C ARG A 43 -6.69 -2.11 -10.87
N GLN A 44 -5.90 -3.18 -10.97
CA GLN A 44 -6.36 -4.41 -11.61
C GLN A 44 -7.60 -4.96 -10.92
N THR A 45 -7.45 -5.34 -9.66
CA THR A 45 -8.56 -5.88 -8.88
C THR A 45 -9.65 -4.83 -8.67
N GLY A 46 -9.23 -3.63 -8.29
CA GLY A 46 -10.19 -2.57 -8.06
C GLY A 46 -10.41 -2.29 -6.59
N ILE A 47 -10.09 -3.26 -5.75
CA ILE A 47 -10.26 -3.12 -4.30
C ILE A 47 -9.22 -2.17 -3.72
N VAL A 48 -9.68 -1.22 -2.91
CA VAL A 48 -8.79 -0.24 -2.28
C VAL A 48 -8.13 -0.82 -1.05
N LEU A 49 -6.90 -0.39 -0.78
CA LEU A 49 -6.16 -0.87 0.39
C LEU A 49 -5.82 0.29 1.32
N ASN A 50 -6.57 0.42 2.40
CA ASN A 50 -6.35 1.48 3.37
C ASN A 50 -5.00 1.31 4.06
N ARG A 51 -4.59 2.33 4.80
CA ARG A 51 -3.31 2.30 5.51
C ARG A 51 -3.50 1.79 6.94
N PRO A 52 -2.52 1.01 7.43
CA PRO A 52 -2.55 0.45 8.77
C PRO A 52 -2.37 1.51 9.85
N SER A 53 -3.48 2.09 10.30
CA SER A 53 -3.44 3.12 11.33
C SER A 53 -4.32 2.74 12.52
N GLY A 54 -3.69 2.18 13.56
CA GLY A 54 -4.42 1.78 14.74
C GLY A 54 -3.53 1.66 15.96
N PRO A 55 -3.05 0.44 16.23
CA PRO A 55 -2.18 0.16 17.38
C PRO A 55 -0.79 0.79 17.21
N SER A 56 -0.25 0.70 16.00
CA SER A 56 1.07 1.25 15.71
C SER A 56 0.95 2.63 15.06
N SER A 57 1.72 3.58 15.57
CA SER A 57 1.70 4.94 15.06
C SER A 57 2.53 5.04 13.78
N GLY A 58 1.88 4.86 12.64
CA GLY A 58 2.59 4.94 11.37
C GLY A 58 3.38 6.22 11.21
N GLY A 1 -13.90 14.20 -3.36
CA GLY A 1 -15.08 13.79 -4.11
C GLY A 1 -14.76 13.49 -5.57
N SER A 2 -13.89 14.29 -6.16
CA SER A 2 -13.52 14.11 -7.56
C SER A 2 -12.53 12.96 -7.70
N SER A 3 -11.54 12.92 -6.81
CA SER A 3 -10.53 11.87 -6.84
C SER A 3 -10.46 11.15 -5.50
N GLY A 4 -9.82 9.98 -5.49
CA GLY A 4 -9.69 9.21 -4.27
C GLY A 4 -8.34 9.40 -3.59
N SER A 5 -7.33 8.68 -4.07
CA SER A 5 -5.99 8.78 -3.51
C SER A 5 -4.95 8.92 -4.61
N SER A 6 -4.03 9.85 -4.43
CA SER A 6 -2.98 10.11 -5.41
C SER A 6 -2.09 8.87 -5.58
N GLY A 7 -2.11 8.00 -4.58
CA GLY A 7 -1.31 6.79 -4.64
C GLY A 7 -0.83 6.35 -3.27
N TYR A 8 0.00 5.30 -3.24
CA TYR A 8 0.53 4.79 -1.99
C TYR A 8 1.97 5.22 -1.77
N GLY A 9 2.23 6.51 -2.03
CA GLY A 9 3.57 7.04 -1.85
C GLY A 9 3.81 7.54 -0.45
N ALA A 10 2.86 8.28 0.09
CA ALA A 10 2.97 8.83 1.43
C ALA A 10 3.27 7.73 2.45
N TRP A 11 2.84 6.52 2.14
CA TRP A 11 3.06 5.38 3.02
C TRP A 11 4.53 5.25 3.39
N ALA A 12 4.86 4.19 4.12
CA ALA A 12 6.24 3.94 4.52
C ALA A 12 6.70 2.55 4.12
N ALA A 13 7.97 2.42 3.78
CA ALA A 13 8.53 1.14 3.38
C ALA A 13 7.89 -0.01 4.14
N GLN A 14 7.85 0.11 5.46
CA GLN A 14 7.26 -0.92 6.30
C GLN A 14 5.82 -1.20 5.90
N GLU A 15 5.00 -0.16 5.90
CA GLU A 15 3.59 -0.29 5.54
C GLU A 15 3.44 -1.09 4.24
N LEU A 16 4.13 -0.64 3.20
CA LEU A 16 4.06 -1.32 1.90
C LEU A 16 4.39 -2.80 2.05
N GLN A 17 5.58 -3.09 2.56
CA GLN A 17 6.02 -4.47 2.75
C GLN A 17 4.95 -5.29 3.47
N ALA A 18 4.57 -4.83 4.66
CA ALA A 18 3.56 -5.51 5.46
C ALA A 18 2.41 -6.00 4.58
N LYS A 19 1.67 -5.05 4.01
CA LYS A 19 0.54 -5.37 3.14
C LYS A 19 0.95 -6.39 2.07
N LEU A 20 1.94 -6.03 1.28
CA LEU A 20 2.42 -6.92 0.22
C LEU A 20 2.50 -8.35 0.70
N ALA A 21 3.03 -8.54 1.90
CA ALA A 21 3.15 -9.87 2.48
C ALA A 21 1.79 -10.46 2.82
N GLU A 22 0.90 -9.61 3.34
CA GLU A 22 -0.43 -10.04 3.71
C GLU A 22 -1.20 -10.56 2.50
N ILE A 23 -1.16 -9.80 1.41
CA ILE A 23 -1.84 -10.19 0.18
C ILE A 23 -1.21 -11.43 -0.44
N GLY A 24 -0.01 -11.77 0.03
CA GLY A 24 0.68 -12.94 -0.48
C GLY A 24 1.62 -12.60 -1.63
N ALA A 25 2.01 -11.34 -1.71
CA ALA A 25 2.91 -10.88 -2.77
C ALA A 25 4.32 -10.67 -2.25
N PRO A 26 5.31 -10.77 -3.15
CA PRO A 26 6.72 -10.60 -2.79
C PRO A 26 7.06 -9.16 -2.44
N ILE A 27 7.77 -8.98 -1.32
CA ILE A 27 8.16 -7.65 -0.87
C ILE A 27 9.46 -7.20 -1.53
N GLN A 28 9.60 -7.53 -2.81
CA GLN A 28 10.79 -7.15 -3.57
C GLN A 28 10.62 -5.80 -4.24
N GLY A 29 11.73 -5.14 -4.54
CA GLY A 29 11.68 -3.84 -5.19
C GLY A 29 11.81 -2.70 -4.20
N ASN A 30 12.43 -1.61 -4.64
CA ASN A 30 12.63 -0.44 -3.79
C ASN A 30 11.32 0.28 -3.55
N ARG A 31 11.36 1.31 -2.71
CA ARG A 31 10.17 2.08 -2.38
C ARG A 31 9.29 2.28 -3.62
N GLU A 32 9.87 2.88 -4.66
CA GLU A 32 9.14 3.11 -5.90
C GLU A 32 8.47 1.84 -6.40
N GLU A 33 9.28 0.80 -6.60
CA GLU A 33 8.76 -0.48 -7.07
C GLU A 33 7.57 -0.94 -6.23
N LEU A 34 7.81 -1.10 -4.93
CA LEU A 34 6.77 -1.55 -4.01
C LEU A 34 5.45 -0.83 -4.30
N VAL A 35 5.48 0.50 -4.28
CA VAL A 35 4.29 1.29 -4.55
C VAL A 35 3.66 0.91 -5.88
N GLU A 36 4.49 0.74 -6.91
CA GLU A 36 4.01 0.38 -8.23
C GLU A 36 3.23 -0.94 -8.17
N ARG A 37 3.70 -1.87 -7.36
CA ARG A 37 3.05 -3.17 -7.22
C ARG A 37 1.66 -3.01 -6.64
N LEU A 38 1.56 -2.32 -5.50
CA LEU A 38 0.28 -2.10 -4.84
C LEU A 38 -0.69 -1.38 -5.77
N GLN A 39 -0.19 -0.40 -6.50
CA GLN A 39 -1.01 0.36 -7.44
C GLN A 39 -1.57 -0.53 -8.53
N SER A 40 -0.73 -1.44 -9.03
CA SER A 40 -1.14 -2.36 -10.09
C SER A 40 -2.23 -3.30 -9.60
N TYR A 41 -2.09 -3.77 -8.37
CA TYR A 41 -3.06 -4.69 -7.78
C TYR A 41 -4.41 -3.99 -7.58
N THR A 42 -4.35 -2.75 -7.12
CA THR A 42 -5.56 -1.97 -6.87
C THR A 42 -6.38 -1.81 -8.15
N ARG A 43 -5.72 -1.40 -9.22
CA ARG A 43 -6.38 -1.21 -10.51
C ARG A 43 -6.73 -2.55 -11.14
N GLN A 44 -5.74 -3.43 -11.24
CA GLN A 44 -5.94 -4.75 -11.84
C GLN A 44 -7.28 -5.34 -11.40
N THR A 45 -7.46 -5.51 -10.10
CA THR A 45 -8.70 -6.07 -9.57
C THR A 45 -9.75 -4.98 -9.39
N GLY A 46 -9.33 -3.81 -8.93
CA GLY A 46 -10.25 -2.71 -8.74
C GLY A 46 -10.68 -2.57 -7.29
N ILE A 47 -9.80 -2.95 -6.37
CA ILE A 47 -10.09 -2.86 -4.94
C ILE A 47 -9.07 -2.01 -4.22
N VAL A 48 -9.54 -0.97 -3.53
CA VAL A 48 -8.66 -0.07 -2.79
C VAL A 48 -8.37 -0.62 -1.40
N LEU A 49 -7.10 -0.64 -1.04
CA LEU A 49 -6.68 -1.14 0.27
C LEU A 49 -6.73 -0.03 1.31
N ASN A 50 -6.62 -0.41 2.58
CA ASN A 50 -6.65 0.56 3.67
C ASN A 50 -5.28 0.68 4.33
N ARG A 51 -5.00 1.87 4.89
CA ARG A 51 -3.72 2.11 5.54
C ARG A 51 -3.76 1.68 7.00
N PRO A 52 -2.64 1.13 7.49
CA PRO A 52 -2.53 0.66 8.87
C PRO A 52 -2.52 1.82 9.88
N SER A 53 -3.47 1.81 10.79
CA SER A 53 -3.59 2.85 11.80
C SER A 53 -4.39 2.37 13.00
N GLY A 54 -3.80 2.47 14.18
CA GLY A 54 -4.48 2.05 15.39
C GLY A 54 -4.17 0.60 15.75
N PRO A 55 -5.05 -0.02 16.55
CA PRO A 55 -4.89 -1.40 16.99
C PRO A 55 -5.08 -2.40 15.85
N SER A 56 -5.77 -1.96 14.80
CA SER A 56 -6.03 -2.82 13.65
C SER A 56 -4.72 -3.19 12.95
N SER A 57 -4.82 -3.91 11.84
CA SER A 57 -3.66 -4.33 11.08
C SER A 57 -3.95 -4.33 9.59
N GLY A 58 -2.98 -3.89 8.80
CA GLY A 58 -3.15 -3.85 7.35
C GLY A 58 -3.11 -5.22 6.73
#